data_7PGD
#
_entry.id   7PGD
#
_entity_poly.entity_id   1
_entity_poly.type   'polypeptide(L)'
_entity_poly.pdbx_seq_one_letter_code
;AKYTGKCTKSKNECKYKNDAGKDTFIKCPKFDNKKCTKDNNKCTVDTYNNAVDCD
;
_entity_poly.pdbx_strand_id   A
#
# COMPACT_ATOMS: atom_id res chain seq x y z
N ALA A 1 -9.35 -4.98 8.13
CA ALA A 1 -8.14 -4.63 8.86
C ALA A 1 -7.02 -4.23 7.91
N LYS A 2 -7.04 -4.79 6.71
CA LYS A 2 -6.04 -4.50 5.69
C LYS A 2 -4.64 -4.90 6.18
N TYR A 3 -3.70 -4.97 5.25
CA TYR A 3 -2.33 -5.34 5.58
C TYR A 3 -1.50 -4.12 5.97
N THR A 4 -0.22 -4.34 6.24
CA THR A 4 0.67 -3.25 6.63
C THR A 4 2.02 -3.38 5.93
N GLY A 5 2.55 -2.25 5.48
CA GLY A 5 3.84 -2.26 4.80
C GLY A 5 4.41 -0.86 4.62
N LYS A 6 4.62 -0.47 3.36
CA LYS A 6 5.16 0.84 3.06
C LYS A 6 4.99 1.17 1.58
N CYS A 7 4.80 2.45 1.28
CA CYS A 7 4.62 2.89 -0.09
C CYS A 7 5.89 3.54 -0.63
N THR A 8 5.96 3.73 -1.94
CA THR A 8 7.12 4.34 -2.58
C THR A 8 6.73 5.54 -3.42
N LYS A 9 7.39 6.66 -3.19
CA LYS A 9 7.11 7.89 -3.93
C LYS A 9 7.67 7.81 -5.34
N SER A 10 8.40 6.73 -5.62
CA SER A 10 9.00 6.54 -6.94
C SER A 10 7.92 6.25 -7.98
N LYS A 11 7.14 5.21 -7.75
CA LYS A 11 6.08 4.83 -8.67
C LYS A 11 4.77 4.58 -7.92
N ASN A 12 4.67 5.16 -6.72
CA ASN A 12 3.47 4.99 -5.90
C ASN A 12 3.11 3.51 -5.75
N GLU A 13 4.04 2.73 -5.22
CA GLU A 13 3.82 1.30 -5.03
C GLU A 13 3.93 0.93 -3.55
N CYS A 14 3.02 0.07 -3.10
CA CYS A 14 3.00 -0.36 -1.71
C CYS A 14 3.47 -1.80 -1.58
N LYS A 15 4.48 -2.02 -0.74
CA LYS A 15 5.02 -3.36 -0.54
C LYS A 15 4.64 -3.89 0.84
N TYR A 16 3.45 -4.48 0.92
CA TYR A 16 2.95 -5.03 2.18
C TYR A 16 3.27 -6.52 2.28
N LYS A 17 3.01 -7.09 3.45
CA LYS A 17 3.27 -8.51 3.69
C LYS A 17 1.97 -9.31 3.71
N ASN A 18 1.80 -10.19 2.74
CA ASN A 18 0.60 -11.01 2.66
C ASN A 18 0.46 -11.89 3.89
N ASP A 19 -0.54 -12.77 3.87
CA ASP A 19 -0.79 -13.67 5.00
C ASP A 19 0.31 -14.74 5.07
N ALA A 20 1.11 -14.82 4.03
CA ALA A 20 2.21 -15.80 3.99
C ALA A 20 3.48 -15.23 4.59
N GLY A 21 3.54 -13.91 4.72
CA GLY A 21 4.70 -13.26 5.28
C GLY A 21 5.77 -12.97 4.23
N LYS A 22 5.33 -12.63 3.02
CA LYS A 22 6.24 -12.32 1.93
C LYS A 22 5.92 -10.97 1.30
N ASP A 23 6.91 -10.36 0.68
CA ASP A 23 6.72 -9.06 0.03
C ASP A 23 5.52 -9.10 -0.91
N THR A 24 4.89 -7.94 -1.11
CA THR A 24 3.72 -7.85 -1.97
C THR A 24 3.56 -6.43 -2.50
N PHE A 25 4.03 -6.19 -3.73
CA PHE A 25 3.93 -4.87 -4.34
C PHE A 25 2.54 -4.66 -4.93
N ILE A 26 1.98 -3.47 -4.70
CA ILE A 26 0.65 -3.13 -5.20
C ILE A 26 0.54 -1.64 -5.48
N LYS A 27 0.35 -1.29 -6.74
CA LYS A 27 0.22 0.10 -7.15
C LYS A 27 -0.95 0.76 -6.42
N CYS A 28 -0.71 1.97 -5.91
CA CYS A 28 -1.74 2.72 -5.20
C CYS A 28 -2.44 3.70 -6.13
N PRO A 29 -3.63 4.15 -5.72
CA PRO A 29 -4.44 5.10 -6.50
C PRO A 29 -3.82 6.49 -6.52
N LYS A 30 -4.54 7.45 -7.09
CA LYS A 30 -4.06 8.82 -7.18
C LYS A 30 -4.95 9.76 -6.36
N PHE A 31 -5.87 9.19 -5.61
CA PHE A 31 -6.78 9.98 -4.78
C PHE A 31 -6.01 10.94 -3.89
N ASP A 32 -6.73 11.84 -3.24
CA ASP A 32 -6.11 12.83 -2.35
C ASP A 32 -6.04 12.30 -0.92
N ASN A 33 -6.38 11.03 -0.74
CA ASN A 33 -6.37 10.41 0.58
C ASN A 33 -5.97 8.94 0.47
N LYS A 34 -5.42 8.55 -0.67
CA LYS A 34 -5.00 7.17 -0.89
C LYS A 34 -3.77 7.12 -1.79
N LYS A 35 -3.11 8.26 -1.94
CA LYS A 35 -1.90 8.34 -2.78
C LYS A 35 -0.65 8.36 -1.91
N CYS A 36 0.46 7.88 -2.47
CA CYS A 36 1.73 7.83 -1.76
C CYS A 36 2.38 9.22 -1.73
N THR A 37 1.98 10.03 -0.76
CA THR A 37 2.53 11.37 -0.61
C THR A 37 4.05 11.34 -0.55
N LYS A 38 4.59 10.60 0.42
CA LYS A 38 6.03 10.48 0.59
C LYS A 38 6.46 9.02 0.63
N ASP A 39 7.77 8.79 0.50
CA ASP A 39 8.31 7.44 0.53
C ASP A 39 8.45 6.93 1.96
N ASN A 40 8.47 5.61 2.13
CA ASN A 40 8.61 5.01 3.44
C ASN A 40 7.46 5.44 4.36
N ASN A 41 6.24 5.43 3.83
CA ASN A 41 5.08 5.82 4.60
C ASN A 41 4.28 4.59 5.05
N LYS A 42 3.10 4.82 5.59
CA LYS A 42 2.24 3.74 6.07
C LYS A 42 1.08 3.51 5.11
N CYS A 43 1.07 2.35 4.47
CA CYS A 43 0.02 2.00 3.52
C CYS A 43 -0.71 0.74 3.97
N THR A 44 -2.04 0.77 3.86
CA THR A 44 -2.86 -0.38 4.26
C THR A 44 -3.70 -0.88 3.08
N VAL A 45 -3.45 -2.11 2.67
CA VAL A 45 -4.18 -2.71 1.56
C VAL A 45 -5.30 -3.62 2.07
N ASP A 46 -6.50 -3.43 1.52
CA ASP A 46 -7.65 -4.23 1.92
C ASP A 46 -7.88 -5.38 0.94
N THR A 47 -7.16 -6.49 1.16
CA THR A 47 -7.28 -7.65 0.29
C THR A 47 -8.69 -8.23 0.34
N TYR A 48 -9.45 -7.84 1.36
CA TYR A 48 -10.82 -8.33 1.53
C TYR A 48 -11.72 -7.80 0.42
N ASN A 49 -11.64 -6.49 0.17
CA ASN A 49 -12.45 -5.86 -0.86
C ASN A 49 -11.57 -5.40 -2.03
N ASN A 50 -10.34 -5.90 -2.08
CA ASN A 50 -9.41 -5.55 -3.14
C ASN A 50 -9.32 -4.03 -3.30
N ALA A 51 -9.26 -3.32 -2.16
CA ALA A 51 -9.17 -1.87 -2.18
C ALA A 51 -7.98 -1.40 -1.35
N VAL A 52 -6.97 -0.86 -2.03
CA VAL A 52 -5.77 -0.36 -1.36
C VAL A 52 -6.06 0.95 -0.64
N ASP A 53 -5.21 1.28 0.33
CA ASP A 53 -5.37 2.51 1.09
C ASP A 53 -4.01 3.01 1.60
N CYS A 54 -3.30 3.76 0.77
CA CYS A 54 -2.00 4.29 1.13
C CYS A 54 -2.14 5.45 2.13
N ASP A 55 -1.04 5.78 2.78
CA ASP A 55 -1.04 6.86 3.76
C ASP A 55 -1.66 8.13 3.17
N ALA A 1 -9.32 -6.52 8.46
CA ALA A 1 -7.93 -6.35 8.85
C ALA A 1 -7.06 -5.95 7.64
N LYS A 2 -6.84 -4.66 7.49
CA LYS A 2 -6.04 -4.15 6.38
C LYS A 2 -4.56 -4.47 6.59
N TYR A 3 -3.94 -5.02 5.55
CA TYR A 3 -2.52 -5.38 5.62
C TYR A 3 -1.65 -4.16 5.90
N THR A 4 -0.37 -4.38 6.14
CA THR A 4 0.56 -3.30 6.42
C THR A 4 1.85 -3.47 5.63
N GLY A 5 2.42 -2.34 5.19
CA GLY A 5 3.66 -2.39 4.42
C GLY A 5 4.35 -1.04 4.38
N LYS A 6 4.91 -0.71 3.21
CA LYS A 6 5.62 0.54 3.04
C LYS A 6 5.29 1.17 1.68
N CYS A 7 4.90 2.44 1.70
CA CYS A 7 4.55 3.15 0.47
C CYS A 7 5.80 3.73 -0.19
N THR A 8 5.71 3.97 -1.50
CA THR A 8 6.83 4.52 -2.25
C THR A 8 6.39 5.72 -3.07
N LYS A 9 7.09 6.84 -2.88
CA LYS A 9 6.79 8.06 -3.62
C LYS A 9 7.44 8.07 -4.99
N SER A 10 8.12 6.97 -5.32
CA SER A 10 8.80 6.85 -6.61
C SER A 10 7.80 6.49 -7.70
N LYS A 11 6.97 5.49 -7.45
CA LYS A 11 5.97 5.06 -8.41
C LYS A 11 4.63 4.80 -7.74
N ASN A 12 4.45 5.39 -6.55
CA ASN A 12 3.21 5.22 -5.81
C ASN A 12 2.86 3.73 -5.66
N GLU A 13 3.74 2.99 -4.99
CA GLU A 13 3.52 1.56 -4.79
C GLU A 13 3.55 1.22 -3.30
N CYS A 14 2.88 0.13 -2.94
CA CYS A 14 2.82 -0.30 -1.54
C CYS A 14 3.33 -1.74 -1.41
N LYS A 15 4.43 -1.90 -0.69
CA LYS A 15 5.02 -3.23 -0.47
C LYS A 15 4.62 -3.78 0.89
N TYR A 16 3.55 -4.57 0.91
CA TYR A 16 3.06 -5.17 2.14
C TYR A 16 3.45 -6.65 2.23
N LYS A 17 3.01 -7.31 3.29
CA LYS A 17 3.30 -8.72 3.49
C LYS A 17 2.06 -9.58 3.22
N ASN A 18 2.18 -10.49 2.25
CA ASN A 18 1.08 -11.37 1.90
C ASN A 18 0.81 -12.38 3.01
N ASP A 19 -0.11 -13.31 2.75
CA ASP A 19 -0.45 -14.33 3.73
C ASP A 19 0.70 -15.32 3.91
N ALA A 20 1.64 -15.31 2.97
CA ALA A 20 2.79 -16.20 3.03
C ALA A 20 3.99 -15.49 3.64
N GLY A 21 3.73 -14.40 4.34
CA GLY A 21 4.82 -13.64 4.96
C GLY A 21 5.93 -13.31 3.99
N LYS A 22 5.57 -12.75 2.85
CA LYS A 22 6.54 -12.38 1.82
C LYS A 22 6.21 -11.02 1.22
N ASP A 23 7.20 -10.40 0.59
CA ASP A 23 7.01 -9.10 -0.03
C ASP A 23 5.81 -9.10 -0.97
N THR A 24 5.18 -7.95 -1.13
CA THR A 24 4.01 -7.82 -1.99
C THR A 24 3.80 -6.37 -2.40
N PHE A 25 4.30 -6.01 -3.58
CA PHE A 25 4.16 -4.66 -4.11
C PHE A 25 2.83 -4.49 -4.84
N ILE A 26 2.10 -3.44 -4.50
CA ILE A 26 0.81 -3.16 -5.12
C ILE A 26 0.65 -1.68 -5.41
N LYS A 27 0.48 -1.34 -6.68
CA LYS A 27 0.31 0.05 -7.09
C LYS A 27 -0.84 0.70 -6.32
N CYS A 28 -0.63 1.94 -5.88
CA CYS A 28 -1.64 2.67 -5.13
C CYS A 28 -2.51 3.49 -6.07
N PRO A 29 -3.70 3.90 -5.58
CA PRO A 29 -4.65 4.69 -6.36
C PRO A 29 -4.15 6.12 -6.59
N LYS A 30 -4.75 6.79 -7.57
CA LYS A 30 -4.37 8.16 -7.89
C LYS A 30 -5.28 9.16 -7.18
N PHE A 31 -5.90 8.71 -6.09
CA PHE A 31 -6.79 9.56 -5.31
C PHE A 31 -6.00 10.56 -4.47
N ASP A 32 -6.70 11.55 -3.93
CA ASP A 32 -6.06 12.58 -3.11
C ASP A 32 -6.14 12.22 -1.63
N ASN A 33 -6.57 11.00 -1.35
CA ASN A 33 -6.70 10.54 0.03
C ASN A 33 -6.26 9.08 0.15
N LYS A 34 -5.63 8.57 -0.89
CA LYS A 34 -5.14 7.19 -0.90
C LYS A 34 -3.87 7.06 -1.73
N LYS A 35 -3.22 8.19 -1.98
CA LYS A 35 -1.97 8.19 -2.75
C LYS A 35 -0.76 8.20 -1.84
N CYS A 36 0.42 8.30 -2.44
CA CYS A 36 1.67 8.32 -1.68
C CYS A 36 2.21 9.74 -1.56
N THR A 37 2.14 10.29 -0.35
CA THR A 37 2.63 11.65 -0.10
C THR A 37 4.13 11.66 0.14
N LYS A 38 4.67 10.53 0.58
CA LYS A 38 6.09 10.41 0.84
C LYS A 38 6.52 8.95 0.85
N ASP A 39 7.84 8.72 0.84
CA ASP A 39 8.38 7.37 0.85
C ASP A 39 8.50 6.84 2.27
N ASN A 40 8.58 5.52 2.40
CA ASN A 40 8.70 4.89 3.71
C ASN A 40 7.52 5.26 4.61
N ASN A 41 6.32 5.21 4.04
CA ASN A 41 5.10 5.55 4.79
C ASN A 41 4.35 4.28 5.18
N LYS A 42 3.18 4.46 5.80
CA LYS A 42 2.36 3.34 6.22
C LYS A 42 1.15 3.18 5.29
N CYS A 43 1.19 2.15 4.46
CA CYS A 43 0.10 1.88 3.52
C CYS A 43 -0.71 0.67 3.97
N THR A 44 -2.03 0.76 3.83
CA THR A 44 -2.91 -0.33 4.22
C THR A 44 -3.78 -0.78 3.04
N VAL A 45 -3.81 -2.09 2.80
CA VAL A 45 -4.59 -2.65 1.71
C VAL A 45 -5.82 -3.38 2.24
N ASP A 46 -7.00 -2.91 1.85
CA ASP A 46 -8.25 -3.53 2.28
C ASP A 46 -8.61 -4.71 1.40
N THR A 47 -8.03 -5.87 1.71
CA THR A 47 -8.28 -7.09 0.94
C THR A 47 -9.77 -7.40 0.89
N TYR A 48 -10.51 -6.92 1.88
CA TYR A 48 -11.96 -7.15 1.94
C TYR A 48 -12.64 -6.56 0.71
N ASN A 49 -12.14 -5.43 0.23
CA ASN A 49 -12.71 -4.78 -0.94
C ASN A 49 -11.67 -4.62 -2.05
N ASN A 50 -10.58 -5.35 -1.91
CA ASN A 50 -9.50 -5.30 -2.90
C ASN A 50 -9.07 -3.86 -3.16
N ALA A 51 -9.13 -3.03 -2.11
CA ALA A 51 -8.74 -1.63 -2.23
C ALA A 51 -7.35 -1.40 -1.66
N VAL A 52 -6.67 -0.37 -2.16
CA VAL A 52 -5.33 -0.05 -1.70
C VAL A 52 -5.28 1.36 -1.11
N ASP A 53 -4.63 1.48 0.05
CA ASP A 53 -4.51 2.77 0.73
C ASP A 53 -3.05 3.08 1.02
N CYS A 54 -2.65 4.32 0.74
CA CYS A 54 -1.28 4.76 0.98
C CYS A 54 -1.23 5.86 2.03
N ASP A 55 -0.38 5.68 3.03
CA ASP A 55 -0.23 6.65 4.09
C ASP A 55 -1.60 7.04 4.67
N ALA A 1 -9.63 -6.87 8.14
CA ALA A 1 -8.48 -6.10 8.60
C ALA A 1 -7.67 -5.57 7.42
N LYS A 2 -6.87 -4.54 7.66
CA LYS A 2 -6.04 -3.95 6.62
C LYS A 2 -4.57 -4.30 6.83
N TYR A 3 -3.94 -4.82 5.78
CA TYR A 3 -2.53 -5.19 5.85
C TYR A 3 -1.66 -3.99 6.15
N THR A 4 -0.36 -4.24 6.35
CA THR A 4 0.59 -3.18 6.64
C THR A 4 1.89 -3.36 5.87
N GLY A 5 2.35 -2.29 5.24
CA GLY A 5 3.59 -2.34 4.48
C GLY A 5 4.31 -1.02 4.44
N LYS A 6 4.82 -0.66 3.26
CA LYS A 6 5.54 0.59 3.09
C LYS A 6 5.26 1.21 1.73
N CYS A 7 4.90 2.49 1.72
CA CYS A 7 4.60 3.19 0.48
C CYS A 7 5.88 3.66 -0.20
N THR A 8 5.79 3.89 -1.51
CA THR A 8 6.94 4.35 -2.29
C THR A 8 6.57 5.50 -3.21
N LYS A 9 7.32 6.59 -3.14
CA LYS A 9 7.07 7.75 -3.98
C LYS A 9 7.63 7.55 -5.38
N SER A 10 8.50 6.55 -5.52
CA SER A 10 9.11 6.25 -6.82
C SER A 10 8.05 6.10 -7.90
N LYS A 11 7.12 5.18 -7.69
CA LYS A 11 6.05 4.93 -8.64
C LYS A 11 4.72 4.69 -7.92
N ASN A 12 4.58 5.28 -6.74
CA ASN A 12 3.37 5.13 -5.95
C ASN A 12 3.01 3.65 -5.78
N GLU A 13 3.89 2.91 -5.12
CA GLU A 13 3.66 1.48 -4.89
C GLU A 13 3.72 1.15 -3.40
N CYS A 14 2.92 0.19 -2.98
CA CYS A 14 2.87 -0.22 -1.58
C CYS A 14 3.36 -1.66 -1.42
N LYS A 15 4.34 -1.85 -0.56
CA LYS A 15 4.90 -3.18 -0.30
C LYS A 15 4.52 -3.66 1.09
N TYR A 16 3.56 -4.58 1.14
CA TYR A 16 3.10 -5.14 2.40
C TYR A 16 3.43 -6.62 2.50
N LYS A 17 2.98 -7.25 3.59
CA LYS A 17 3.24 -8.67 3.80
C LYS A 17 1.99 -9.50 3.48
N ASN A 18 2.13 -10.43 2.55
CA ASN A 18 1.02 -11.29 2.16
C ASN A 18 0.84 -12.44 3.14
N ASP A 19 -0.08 -13.35 2.83
CA ASP A 19 -0.35 -14.50 3.68
C ASP A 19 0.87 -15.41 3.76
N ALA A 20 1.76 -15.28 2.78
CA ALA A 20 2.97 -16.10 2.74
C ALA A 20 4.15 -15.37 3.39
N GLY A 21 3.84 -14.31 4.11
CA GLY A 21 4.88 -13.53 4.78
C GLY A 21 5.99 -13.12 3.83
N LYS A 22 5.61 -12.60 2.68
CA LYS A 22 6.57 -12.16 1.67
C LYS A 22 6.19 -10.80 1.11
N ASP A 23 7.17 -10.12 0.52
CA ASP A 23 6.94 -8.80 -0.07
C ASP A 23 5.75 -8.83 -1.03
N THR A 24 4.94 -7.78 -1.00
CA THR A 24 3.77 -7.68 -1.87
C THR A 24 3.58 -6.27 -2.38
N PHE A 25 4.09 -6.00 -3.59
CA PHE A 25 3.97 -4.69 -4.19
C PHE A 25 2.59 -4.50 -4.83
N ILE A 26 1.97 -3.36 -4.54
CA ILE A 26 0.65 -3.07 -5.08
C ILE A 26 0.50 -1.58 -5.37
N LYS A 27 0.37 -1.25 -6.65
CA LYS A 27 0.22 0.15 -7.07
C LYS A 27 -0.97 0.79 -6.38
N CYS A 28 -0.78 2.03 -5.91
CA CYS A 28 -1.84 2.77 -5.23
C CYS A 28 -2.63 3.63 -6.22
N PRO A 29 -3.85 4.04 -5.80
CA PRO A 29 -4.72 4.87 -6.64
C PRO A 29 -4.18 6.29 -6.80
N LYS A 30 -4.54 6.92 -7.91
CA LYS A 30 -4.09 8.29 -8.20
C LYS A 30 -4.75 9.28 -7.25
N PHE A 31 -5.76 8.82 -6.52
CA PHE A 31 -6.47 9.66 -5.57
C PHE A 31 -5.49 10.39 -4.64
N ASP A 32 -5.90 11.55 -4.16
CA ASP A 32 -5.06 12.34 -3.27
C ASP A 32 -5.34 11.99 -1.81
N ASN A 33 -6.09 10.91 -1.59
CA ASN A 33 -6.44 10.48 -0.25
C ASN A 33 -5.83 9.11 0.04
N LYS A 34 -5.50 8.37 -1.01
CA LYS A 34 -4.91 7.04 -0.87
C LYS A 34 -3.70 6.89 -1.78
N LYS A 35 -2.77 7.85 -1.69
CA LYS A 35 -1.56 7.81 -2.52
C LYS A 35 -0.31 7.92 -1.64
N CYS A 36 0.84 7.59 -2.23
CA CYS A 36 2.11 7.64 -1.50
C CYS A 36 2.73 9.04 -1.60
N THR A 37 2.26 9.95 -0.74
CA THR A 37 2.77 11.31 -0.73
C THR A 37 4.28 11.33 -0.55
N LYS A 38 4.81 10.30 0.09
CA LYS A 38 6.25 10.20 0.33
C LYS A 38 6.69 8.74 0.42
N ASP A 39 7.99 8.51 0.56
CA ASP A 39 8.53 7.16 0.66
C ASP A 39 8.61 6.72 2.11
N ASN A 40 8.65 5.40 2.32
CA ASN A 40 8.73 4.85 3.67
C ASN A 40 7.53 5.29 4.50
N ASN A 41 6.35 5.24 3.90
CA ASN A 41 5.12 5.63 4.58
C ASN A 41 4.34 4.41 5.06
N LYS A 42 3.17 4.64 5.63
CA LYS A 42 2.33 3.56 6.12
C LYS A 42 1.10 3.38 5.25
N CYS A 43 1.08 2.30 4.48
CA CYS A 43 -0.04 2.01 3.58
C CYS A 43 -0.79 0.77 4.04
N THR A 44 -2.13 0.86 4.04
CA THR A 44 -2.96 -0.25 4.46
C THR A 44 -3.82 -0.76 3.31
N VAL A 45 -3.72 -2.06 3.03
CA VAL A 45 -4.49 -2.66 1.94
C VAL A 45 -5.57 -3.59 2.50
N ASP A 46 -6.79 -3.41 2.01
CA ASP A 46 -7.91 -4.23 2.45
C ASP A 46 -8.24 -5.31 1.42
N THR A 47 -7.53 -6.42 1.49
CA THR A 47 -7.75 -7.52 0.55
C THR A 47 -9.22 -7.93 0.52
N TYR A 48 -9.91 -7.72 1.63
CA TYR A 48 -11.32 -8.06 1.73
C TYR A 48 -12.11 -7.48 0.57
N ASN A 49 -11.83 -6.22 0.25
CA ASN A 49 -12.51 -5.54 -0.85
C ASN A 49 -11.51 -5.05 -1.89
N ASN A 50 -10.30 -5.60 -1.85
CA ASN A 50 -9.26 -5.23 -2.80
C ASN A 50 -9.08 -3.71 -2.83
N ALA A 51 -9.28 -3.07 -1.69
CA ALA A 51 -9.14 -1.63 -1.59
C ALA A 51 -7.80 -1.25 -0.95
N VAL A 52 -6.88 -0.74 -1.76
CA VAL A 52 -5.57 -0.34 -1.28
C VAL A 52 -5.59 1.09 -0.75
N ASP A 53 -4.83 1.33 0.32
CA ASP A 53 -4.76 2.65 0.92
C ASP A 53 -3.30 3.05 1.19
N CYS A 54 -2.96 4.28 0.83
CA CYS A 54 -1.60 4.78 1.03
C CYS A 54 -1.61 5.99 1.97
N ASP A 55 -0.60 6.05 2.84
CA ASP A 55 -0.49 7.15 3.78
C ASP A 55 -0.43 8.50 3.06
N ALA A 1 -8.83 -5.73 8.69
CA ALA A 1 -7.59 -6.49 8.69
C ALA A 1 -6.65 -6.01 7.59
N LYS A 2 -6.34 -4.72 7.59
CA LYS A 2 -5.45 -4.15 6.59
C LYS A 2 -4.00 -4.51 6.89
N TYR A 3 -3.33 -5.09 5.89
CA TYR A 3 -1.93 -5.48 6.05
C TYR A 3 -1.02 -4.25 6.04
N THR A 4 -0.09 -4.22 6.98
CA THR A 4 0.85 -3.10 7.08
C THR A 4 2.07 -3.33 6.19
N GLY A 5 2.48 -2.29 5.47
CA GLY A 5 3.62 -2.40 4.59
C GLY A 5 4.43 -1.12 4.53
N LYS A 6 4.62 -0.61 3.32
CA LYS A 6 5.38 0.64 3.12
C LYS A 6 5.10 1.21 1.73
N CYS A 7 4.85 2.52 1.69
CA CYS A 7 4.57 3.20 0.42
C CYS A 7 5.87 3.69 -0.22
N THR A 8 5.78 4.06 -1.49
CA THR A 8 6.95 4.54 -2.23
C THR A 8 6.60 5.78 -3.04
N LYS A 9 7.57 6.67 -3.20
CA LYS A 9 7.39 7.89 -3.97
C LYS A 9 7.91 7.74 -5.39
N SER A 10 8.72 6.71 -5.60
CA SER A 10 9.31 6.45 -6.91
C SER A 10 8.23 6.42 -7.99
N LYS A 11 7.33 5.45 -7.89
CA LYS A 11 6.24 5.30 -8.85
C LYS A 11 4.91 5.07 -8.14
N ASN A 12 4.83 5.51 -6.89
CA ASN A 12 3.62 5.35 -6.10
C ASN A 12 3.22 3.88 -6.00
N GLU A 13 3.92 3.14 -5.14
CA GLU A 13 3.65 1.73 -4.95
C GLU A 13 3.60 1.37 -3.47
N CYS A 14 2.90 0.29 -3.14
CA CYS A 14 2.78 -0.16 -1.77
C CYS A 14 3.21 -1.62 -1.63
N LYS A 15 4.22 -1.86 -0.81
CA LYS A 15 4.73 -3.21 -0.59
C LYS A 15 4.22 -3.77 0.74
N TYR A 16 3.00 -4.30 0.73
CA TYR A 16 2.40 -4.86 1.92
C TYR A 16 2.62 -6.36 1.99
N LYS A 17 2.27 -6.97 3.12
CA LYS A 17 2.42 -8.40 3.30
C LYS A 17 1.06 -9.10 3.28
N ASN A 18 0.90 -10.04 2.36
CA ASN A 18 -0.35 -10.79 2.24
C ASN A 18 -0.51 -11.76 3.39
N ASP A 19 -1.53 -12.61 3.31
CA ASP A 19 -1.80 -13.59 4.35
C ASP A 19 -0.61 -14.52 4.53
N ALA A 20 0.20 -14.64 3.50
CA ALA A 20 1.39 -15.50 3.54
C ALA A 20 2.61 -14.72 4.03
N GLY A 21 2.38 -13.51 4.52
CA GLY A 21 3.47 -12.68 5.00
C GLY A 21 4.58 -12.55 3.99
N LYS A 22 4.22 -12.33 2.73
CA LYS A 22 5.21 -12.18 1.66
C LYS A 22 5.07 -10.82 0.98
N ASP A 23 6.16 -10.36 0.38
CA ASP A 23 6.17 -9.07 -0.31
C ASP A 23 5.00 -8.98 -1.29
N THR A 24 4.42 -7.79 -1.41
CA THR A 24 3.30 -7.57 -2.31
C THR A 24 3.24 -6.12 -2.77
N PHE A 25 3.79 -5.85 -3.95
CA PHE A 25 3.80 -4.49 -4.49
C PHE A 25 2.51 -4.21 -5.26
N ILE A 26 1.78 -3.20 -4.83
CA ILE A 26 0.52 -2.82 -5.47
C ILE A 26 0.43 -1.31 -5.65
N LYS A 27 0.29 -0.88 -6.91
CA LYS A 27 0.19 0.54 -7.22
C LYS A 27 -1.05 1.15 -6.56
N CYS A 28 -0.85 2.30 -5.91
CA CYS A 28 -1.95 2.98 -5.23
C CYS A 28 -2.70 3.88 -6.21
N PRO A 29 -3.94 4.26 -5.84
CA PRO A 29 -4.78 5.14 -6.66
C PRO A 29 -4.25 6.57 -6.71
N LYS A 30 -4.59 7.28 -7.78
CA LYS A 30 -4.17 8.66 -7.96
C LYS A 30 -4.84 9.57 -6.94
N PHE A 31 -5.86 9.04 -6.27
CA PHE A 31 -6.60 9.81 -5.27
C PHE A 31 -5.64 10.48 -4.28
N ASP A 32 -6.09 11.57 -3.68
CA ASP A 32 -5.28 12.30 -2.70
C ASP A 32 -5.52 11.79 -1.29
N ASN A 33 -6.25 10.67 -1.19
CA ASN A 33 -6.56 10.08 0.11
C ASN A 33 -5.84 8.75 0.28
N LYS A 34 -5.48 8.12 -0.85
CA LYS A 34 -4.80 6.83 -0.82
C LYS A 34 -3.59 6.85 -1.76
N LYS A 35 -2.73 7.85 -1.59
CA LYS A 35 -1.54 7.97 -2.43
C LYS A 35 -0.28 7.93 -1.57
N CYS A 36 0.86 7.67 -2.21
CA CYS A 36 2.13 7.61 -1.51
C CYS A 36 2.86 8.94 -1.56
N THR A 37 2.50 9.85 -0.66
CA THR A 37 3.12 11.17 -0.60
C THR A 37 4.64 11.06 -0.56
N LYS A 38 5.15 10.33 0.43
CA LYS A 38 6.59 10.15 0.59
C LYS A 38 6.96 8.67 0.55
N ASP A 39 8.25 8.38 0.64
CA ASP A 39 8.73 7.01 0.62
C ASP A 39 8.77 6.43 2.03
N ASN A 40 8.61 5.11 2.12
CA ASN A 40 8.62 4.44 3.42
C ASN A 40 7.54 4.99 4.33
N ASN A 41 6.32 5.10 3.79
CA ASN A 41 5.20 5.61 4.57
C ASN A 41 4.37 4.47 5.15
N LYS A 42 3.26 4.81 5.79
CA LYS A 42 2.38 3.82 6.39
C LYS A 42 1.27 3.43 5.43
N CYS A 43 1.37 2.22 4.86
CA CYS A 43 0.37 1.73 3.92
C CYS A 43 -0.49 0.65 4.57
N THR A 44 -1.73 0.53 4.10
CA THR A 44 -2.65 -0.46 4.62
C THR A 44 -3.57 -1.01 3.53
N VAL A 45 -3.26 -2.21 3.06
CA VAL A 45 -4.04 -2.85 2.01
C VAL A 45 -5.07 -3.81 2.60
N ASP A 46 -6.28 -3.79 2.05
CA ASP A 46 -7.35 -4.66 2.52
C ASP A 46 -7.62 -5.78 1.52
N THR A 47 -6.80 -6.83 1.56
CA THR A 47 -6.95 -7.96 0.66
C THR A 47 -8.34 -8.57 0.76
N TYR A 48 -8.99 -8.36 1.91
CA TYR A 48 -10.33 -8.89 2.13
C TYR A 48 -11.29 -8.43 1.04
N ASN A 49 -11.19 -7.15 0.69
CA ASN A 49 -12.05 -6.57 -0.34
C ASN A 49 -11.22 -5.99 -1.47
N ASN A 50 -9.95 -6.38 -1.55
CA ASN A 50 -9.05 -5.90 -2.58
C ASN A 50 -9.07 -4.36 -2.65
N ALA A 51 -8.95 -3.73 -1.49
CA ALA A 51 -8.95 -2.27 -1.41
C ALA A 51 -7.67 -1.75 -0.78
N VAL A 52 -6.82 -1.14 -1.60
CA VAL A 52 -5.56 -0.58 -1.11
C VAL A 52 -5.76 0.80 -0.50
N ASP A 53 -4.97 1.10 0.53
CA ASP A 53 -5.07 2.39 1.20
C ASP A 53 -3.69 2.86 1.65
N CYS A 54 -3.11 3.79 0.90
CA CYS A 54 -1.79 4.32 1.23
C CYS A 54 -1.88 5.38 2.31
N ASP A 55 -0.75 5.69 2.94
CA ASP A 55 -0.70 6.69 4.00
C ASP A 55 -1.36 8.00 3.54
N ALA A 1 -7.99 -5.52 10.03
CA ALA A 1 -8.16 -5.74 8.59
C ALA A 1 -7.21 -4.84 7.80
N LYS A 2 -7.04 -5.15 6.51
CA LYS A 2 -6.16 -4.37 5.65
C LYS A 2 -4.71 -4.51 6.09
N TYR A 3 -3.89 -5.13 5.24
CA TYR A 3 -2.48 -5.33 5.55
C TYR A 3 -1.79 -3.99 5.79
N THR A 4 -0.56 -4.05 6.29
CA THR A 4 0.22 -2.85 6.57
C THR A 4 1.71 -3.08 6.31
N GLY A 5 2.33 -2.12 5.64
CA GLY A 5 3.74 -2.23 5.33
C GLY A 5 4.39 -0.89 5.06
N LYS A 6 4.83 -0.69 3.82
CA LYS A 6 5.47 0.55 3.41
C LYS A 6 5.35 0.77 1.92
N CYS A 7 5.08 2.02 1.53
CA CYS A 7 4.95 2.37 0.12
C CYS A 7 6.12 3.20 -0.36
N THR A 8 6.11 3.56 -1.64
CA THR A 8 7.18 4.36 -2.22
C THR A 8 6.62 5.56 -2.97
N LYS A 9 7.42 6.64 -3.03
CA LYS A 9 7.01 7.85 -3.72
C LYS A 9 7.48 7.84 -5.18
N SER A 10 8.22 6.80 -5.54
CA SER A 10 8.74 6.67 -6.90
C SER A 10 7.61 6.40 -7.88
N LYS A 11 6.91 5.29 -7.69
CA LYS A 11 5.80 4.91 -8.55
C LYS A 11 4.52 4.73 -7.76
N ASN A 12 4.48 5.30 -6.55
CA ASN A 12 3.31 5.20 -5.70
C ASN A 12 2.89 3.74 -5.52
N GLU A 13 3.83 2.90 -5.09
CA GLU A 13 3.55 1.49 -4.89
C GLU A 13 3.60 1.13 -3.40
N CYS A 14 2.71 0.23 -2.99
CA CYS A 14 2.64 -0.20 -1.60
C CYS A 14 3.18 -1.62 -1.44
N LYS A 15 4.28 -1.76 -0.70
CA LYS A 15 4.88 -3.07 -0.48
C LYS A 15 4.61 -3.54 0.95
N TYR A 16 3.58 -4.37 1.11
CA TYR A 16 3.22 -4.91 2.41
C TYR A 16 3.63 -6.38 2.54
N LYS A 17 3.16 -7.02 3.59
CA LYS A 17 3.47 -8.42 3.84
C LYS A 17 2.22 -9.28 3.74
N ASN A 18 2.21 -10.21 2.78
CA ASN A 18 1.07 -11.10 2.59
C ASN A 18 0.92 -12.06 3.77
N ASP A 19 -0.03 -12.98 3.65
CA ASP A 19 -0.29 -13.96 4.70
C ASP A 19 0.85 -14.97 4.80
N ALA A 20 1.71 -14.98 3.78
CA ALA A 20 2.84 -15.89 3.74
C ALA A 20 4.11 -15.21 4.21
N GLY A 21 3.96 -14.11 4.94
CA GLY A 21 5.11 -13.38 5.44
C GLY A 21 6.11 -13.05 4.34
N LYS A 22 5.59 -12.58 3.21
CA LYS A 22 6.44 -12.23 2.08
C LYS A 22 6.05 -10.87 1.50
N ASP A 23 6.98 -10.22 0.82
CA ASP A 23 6.74 -8.92 0.22
C ASP A 23 5.51 -8.96 -0.68
N THR A 24 4.90 -7.80 -0.91
CA THR A 24 3.72 -7.70 -1.75
C THR A 24 3.51 -6.28 -2.25
N PHE A 25 4.00 -5.99 -3.45
CA PHE A 25 3.87 -4.68 -4.05
C PHE A 25 2.53 -4.52 -4.74
N ILE A 26 1.88 -3.38 -4.49
CA ILE A 26 0.57 -3.11 -5.10
C ILE A 26 0.40 -1.62 -5.37
N LYS A 27 0.30 -1.26 -6.65
CA LYS A 27 0.12 0.12 -7.05
C LYS A 27 -1.02 0.78 -6.28
N CYS A 28 -0.81 2.01 -5.84
CA CYS A 28 -1.82 2.75 -5.09
C CYS A 28 -2.71 3.55 -6.03
N PRO A 29 -3.90 3.95 -5.53
CA PRO A 29 -4.86 4.74 -6.29
C PRO A 29 -4.38 6.16 -6.57
N LYS A 30 -4.77 6.71 -7.71
CA LYS A 30 -4.38 8.06 -8.08
C LYS A 30 -5.06 9.09 -7.19
N PHE A 31 -6.05 8.64 -6.42
CA PHE A 31 -6.79 9.51 -5.51
C PHE A 31 -5.83 10.31 -4.64
N ASP A 32 -6.37 11.31 -3.94
CA ASP A 32 -5.57 12.16 -3.06
C ASP A 32 -5.75 11.75 -1.60
N ASN A 33 -6.50 10.68 -1.38
CA ASN A 33 -6.76 10.19 -0.04
C ASN A 33 -5.99 8.91 0.25
N LYS A 34 -5.61 8.21 -0.83
CA LYS A 34 -4.86 6.98 -0.71
C LYS A 34 -3.63 6.99 -1.61
N LYS A 35 -2.82 8.04 -1.48
CA LYS A 35 -1.61 8.16 -2.29
C LYS A 35 -0.36 8.17 -1.40
N CYS A 36 0.76 7.77 -1.98
CA CYS A 36 2.03 7.71 -1.25
C CYS A 36 2.72 9.07 -1.27
N THR A 37 2.37 9.94 -0.32
CA THR A 37 2.96 11.26 -0.24
C THR A 37 4.49 11.19 -0.25
N LYS A 38 5.05 10.44 0.69
CA LYS A 38 6.50 10.29 0.77
C LYS A 38 6.89 8.81 0.83
N ASP A 39 8.17 8.54 0.63
CA ASP A 39 8.67 7.17 0.66
C ASP A 39 8.79 6.66 2.09
N ASN A 40 8.76 5.34 2.24
CA ASN A 40 8.87 4.72 3.56
C ASN A 40 7.74 5.21 4.48
N ASN A 41 6.54 5.31 3.92
CA ASN A 41 5.38 5.76 4.69
C ASN A 41 4.52 4.58 5.11
N LYS A 42 3.37 4.87 5.72
CA LYS A 42 2.45 3.83 6.17
C LYS A 42 1.33 3.62 5.16
N CYS A 43 1.36 2.49 4.48
CA CYS A 43 0.34 2.17 3.48
C CYS A 43 -0.40 0.90 3.87
N THR A 44 -1.67 0.81 3.46
CA THR A 44 -2.49 -0.35 3.76
C THR A 44 -3.04 -0.98 2.48
N VAL A 45 -3.54 -2.21 2.60
CA VAL A 45 -4.10 -2.92 1.45
C VAL A 45 -5.24 -3.84 1.88
N ASP A 46 -6.42 -3.60 1.33
CA ASP A 46 -7.59 -4.40 1.65
C ASP A 46 -7.79 -5.51 0.61
N THR A 47 -7.11 -6.63 0.82
CA THR A 47 -7.21 -7.77 -0.08
C THR A 47 -8.62 -8.36 -0.08
N TYR A 48 -9.41 -7.97 0.91
CA TYR A 48 -10.78 -8.46 1.03
C TYR A 48 -11.68 -7.81 -0.02
N ASN A 49 -11.61 -6.49 -0.12
CA ASN A 49 -12.41 -5.74 -1.08
C ASN A 49 -11.56 -5.23 -2.23
N ASN A 50 -10.34 -5.76 -2.34
CA ASN A 50 -9.43 -5.36 -3.40
C ASN A 50 -9.29 -3.84 -3.45
N ALA A 51 -9.05 -3.23 -2.29
CA ALA A 51 -8.90 -1.78 -2.21
C ALA A 51 -7.56 -1.40 -1.60
N VAL A 52 -6.70 -0.77 -2.40
CA VAL A 52 -5.39 -0.35 -1.94
C VAL A 52 -5.46 0.97 -1.19
N ASP A 53 -4.54 1.17 -0.25
CA ASP A 53 -4.50 2.40 0.53
C ASP A 53 -3.06 2.84 0.78
N CYS A 54 -2.86 4.16 0.82
CA CYS A 54 -1.54 4.72 1.04
C CYS A 54 -1.58 5.87 2.04
N ASP A 55 -0.48 6.07 2.76
CA ASP A 55 -0.41 7.13 3.75
C ASP A 55 -0.81 8.47 3.15
N ALA A 1 -8.84 -7.68 7.71
CA ALA A 1 -7.57 -7.31 8.34
C ALA A 1 -6.60 -6.73 7.32
N LYS A 2 -6.73 -5.45 7.04
CA LYS A 2 -5.86 -4.77 6.08
C LYS A 2 -4.39 -4.97 6.44
N TYR A 3 -3.60 -5.37 5.46
CA TYR A 3 -2.17 -5.60 5.68
C TYR A 3 -1.39 -4.29 5.58
N THR A 4 -0.52 -4.06 6.56
CA THR A 4 0.29 -2.85 6.59
C THR A 4 1.65 -3.09 5.94
N GLY A 5 2.11 -2.09 5.19
CA GLY A 5 3.39 -2.20 4.51
C GLY A 5 4.12 -0.87 4.41
N LYS A 6 4.55 -0.52 3.21
CA LYS A 6 5.26 0.74 3.00
C LYS A 6 4.97 1.29 1.60
N CYS A 7 4.91 2.61 1.50
CA CYS A 7 4.65 3.27 0.22
C CYS A 7 5.95 3.66 -0.47
N THR A 8 5.90 3.78 -1.80
CA THR A 8 7.08 4.15 -2.57
C THR A 8 6.80 5.38 -3.44
N LYS A 9 7.61 6.42 -3.27
CA LYS A 9 7.47 7.64 -4.03
C LYS A 9 8.10 7.51 -5.41
N SER A 10 8.72 6.37 -5.67
CA SER A 10 9.37 6.12 -6.95
C SER A 10 8.33 5.94 -8.06
N LYS A 11 7.37 5.04 -7.83
CA LYS A 11 6.32 4.78 -8.81
C LYS A 11 4.97 4.65 -8.12
N ASN A 12 4.85 5.24 -6.94
CA ASN A 12 3.60 5.18 -6.19
C ASN A 12 3.12 3.75 -6.02
N GLU A 13 3.80 3.00 -5.18
CA GLU A 13 3.44 1.60 -4.94
C GLU A 13 3.42 1.29 -3.45
N CYS A 14 2.79 0.18 -3.09
CA CYS A 14 2.69 -0.23 -1.69
C CYS A 14 3.19 -1.66 -1.51
N LYS A 15 4.12 -1.84 -0.57
CA LYS A 15 4.67 -3.16 -0.29
C LYS A 15 4.11 -3.73 1.01
N TYR A 16 2.96 -4.38 0.92
CA TYR A 16 2.32 -4.96 2.10
C TYR A 16 2.65 -6.45 2.20
N LYS A 17 2.19 -7.07 3.29
CA LYS A 17 2.43 -8.49 3.51
C LYS A 17 1.13 -9.28 3.47
N ASN A 18 1.03 -10.20 2.51
CA ASN A 18 -0.16 -11.02 2.37
C ASN A 18 -0.30 -11.99 3.52
N ASP A 19 -1.27 -12.90 3.41
CA ASP A 19 -1.50 -13.91 4.46
C ASP A 19 -0.25 -14.74 4.70
N ALA A 20 0.61 -14.82 3.67
CA ALA A 20 1.84 -15.59 3.78
C ALA A 20 2.98 -14.73 4.32
N GLY A 21 2.64 -13.55 4.80
CA GLY A 21 3.65 -12.64 5.34
C GLY A 21 4.81 -12.44 4.39
N LYS A 22 4.51 -12.27 3.11
CA LYS A 22 5.53 -12.07 2.09
C LYS A 22 5.34 -10.72 1.39
N ASP A 23 6.44 -10.16 0.89
CA ASP A 23 6.39 -8.88 0.21
C ASP A 23 5.34 -8.89 -0.90
N THR A 24 4.66 -7.76 -1.09
CA THR A 24 3.63 -7.64 -2.10
C THR A 24 3.51 -6.21 -2.60
N PHE A 25 4.07 -5.95 -3.78
CA PHE A 25 4.03 -4.61 -4.37
C PHE A 25 2.71 -4.39 -5.11
N ILE A 26 2.01 -3.33 -4.73
CA ILE A 26 0.74 -3.00 -5.37
C ILE A 26 0.64 -1.50 -5.66
N LYS A 27 0.41 -1.17 -6.93
CA LYS A 27 0.28 0.22 -7.34
C LYS A 27 -0.86 0.90 -6.62
N CYS A 28 -0.61 2.10 -6.10
CA CYS A 28 -1.62 2.86 -5.38
C CYS A 28 -2.28 3.89 -6.31
N PRO A 29 -3.48 4.36 -5.91
CA PRO A 29 -4.23 5.35 -6.68
C PRO A 29 -3.57 6.72 -6.66
N LYS A 30 -4.29 7.72 -7.17
CA LYS A 30 -3.78 9.09 -7.21
C LYS A 30 -4.61 10.01 -6.34
N PHE A 31 -5.57 9.43 -5.62
CA PHE A 31 -6.44 10.20 -4.75
C PHE A 31 -5.63 11.08 -3.80
N ASP A 32 -6.31 11.97 -3.09
CA ASP A 32 -5.65 12.87 -2.15
C ASP A 32 -5.62 12.27 -0.75
N ASN A 33 -5.99 11.00 -0.65
CA ASN A 33 -6.01 10.31 0.63
C ASN A 33 -5.66 8.83 0.46
N LYS A 34 -5.07 8.50 -0.68
CA LYS A 34 -4.68 7.12 -0.98
C LYS A 34 -3.48 7.09 -1.91
N LYS A 35 -2.76 8.19 -1.99
CA LYS A 35 -1.58 8.29 -2.84
C LYS A 35 -0.30 8.26 -2.01
N CYS A 36 0.78 7.81 -2.62
CA CYS A 36 2.08 7.73 -1.94
C CYS A 36 2.69 9.12 -1.80
N THR A 37 2.25 9.86 -0.78
CA THR A 37 2.76 11.20 -0.54
C THR A 37 4.29 11.21 -0.49
N LYS A 38 4.87 10.09 -0.06
CA LYS A 38 6.32 9.97 0.04
C LYS A 38 6.73 8.52 0.27
N ASP A 39 8.03 8.26 0.21
CA ASP A 39 8.55 6.92 0.42
C ASP A 39 8.62 6.59 1.91
N ASN A 40 8.72 5.30 2.23
CA ASN A 40 8.81 4.86 3.61
C ASN A 40 7.59 5.33 4.40
N ASN A 41 6.43 5.36 3.73
CA ASN A 41 5.19 5.79 4.37
C ASN A 41 4.42 4.58 4.90
N LYS A 42 3.23 4.83 5.42
CA LYS A 42 2.38 3.78 5.96
C LYS A 42 1.18 3.53 5.06
N CYS A 43 1.18 2.37 4.39
CA CYS A 43 0.09 2.01 3.49
C CYS A 43 -0.60 0.73 3.96
N THR A 44 -1.91 0.65 3.75
CA THR A 44 -2.68 -0.51 4.15
C THR A 44 -3.48 -1.07 2.98
N VAL A 45 -3.35 -2.37 2.75
CA VAL A 45 -4.07 -3.03 1.66
C VAL A 45 -5.13 -3.99 2.20
N ASP A 46 -6.37 -3.76 1.79
CA ASP A 46 -7.48 -4.59 2.22
C ASP A 46 -7.71 -5.75 1.26
N THR A 47 -6.96 -6.84 1.46
CA THR A 47 -7.08 -8.02 0.60
C THR A 47 -8.47 -8.64 0.71
N TYR A 48 -9.20 -8.24 1.74
CA TYR A 48 -10.55 -8.77 1.95
C TYR A 48 -11.52 -8.22 0.91
N ASN A 49 -11.52 -6.90 0.74
CA ASN A 49 -12.39 -6.25 -0.23
C ASN A 49 -11.61 -5.73 -1.42
N ASN A 50 -10.37 -6.21 -1.57
CA ASN A 50 -9.51 -5.80 -2.66
C ASN A 50 -9.46 -4.28 -2.78
N ALA A 51 -9.16 -3.63 -1.65
CA ALA A 51 -9.07 -2.17 -1.62
C ALA A 51 -7.72 -1.72 -1.09
N VAL A 52 -6.90 -1.15 -1.98
CA VAL A 52 -5.58 -0.67 -1.60
C VAL A 52 -5.66 0.73 -1.00
N ASP A 53 -4.79 1.00 -0.02
CA ASP A 53 -4.77 2.29 0.64
C ASP A 53 -3.33 2.71 0.95
N CYS A 54 -3.03 3.98 0.76
CA CYS A 54 -1.71 4.51 1.01
C CYS A 54 -1.76 5.73 1.93
N ASP A 55 -0.66 6.01 2.62
CA ASP A 55 -0.59 7.15 3.52
C ASP A 55 -1.04 8.42 2.81
N ALA A 1 -7.52 -6.28 9.74
CA ALA A 1 -7.29 -7.26 8.68
C ALA A 1 -6.34 -6.73 7.63
N LYS A 2 -6.30 -5.40 7.49
CA LYS A 2 -5.42 -4.75 6.51
C LYS A 2 -3.95 -5.03 6.84
N TYR A 3 -3.18 -5.39 5.82
CA TYR A 3 -1.76 -5.68 5.99
C TYR A 3 -0.94 -4.40 5.95
N THR A 4 -0.04 -4.25 6.91
CA THR A 4 0.83 -3.08 6.98
C THR A 4 2.03 -3.22 6.07
N GLY A 5 2.29 -2.19 5.27
CA GLY A 5 3.43 -2.23 4.36
C GLY A 5 4.21 -0.92 4.35
N LYS A 6 4.58 -0.47 3.16
CA LYS A 6 5.33 0.77 3.02
C LYS A 6 5.14 1.37 1.63
N CYS A 7 4.89 2.67 1.59
CA CYS A 7 4.68 3.37 0.33
C CYS A 7 6.01 3.72 -0.33
N THR A 8 5.97 4.01 -1.63
CA THR A 8 7.17 4.37 -2.37
C THR A 8 6.93 5.57 -3.28
N LYS A 9 7.76 6.59 -3.15
CA LYS A 9 7.63 7.79 -3.96
C LYS A 9 8.21 7.58 -5.35
N SER A 10 8.97 6.50 -5.51
CA SER A 10 9.59 6.18 -6.80
C SER A 10 8.55 6.17 -7.90
N LYS A 11 7.54 5.30 -7.75
CA LYS A 11 6.47 5.20 -8.75
C LYS A 11 5.12 5.03 -8.08
N ASN A 12 5.01 5.52 -6.84
CA ASN A 12 3.77 5.43 -6.10
C ASN A 12 3.31 3.97 -5.97
N GLU A 13 4.04 3.19 -5.18
CA GLU A 13 3.70 1.79 -4.99
C GLU A 13 3.71 1.43 -3.50
N CYS A 14 2.87 0.46 -3.13
CA CYS A 14 2.78 0.02 -1.75
C CYS A 14 3.25 -1.42 -1.60
N LYS A 15 4.16 -1.65 -0.66
CA LYS A 15 4.69 -2.99 -0.42
C LYS A 15 4.20 -3.54 0.92
N TYR A 16 3.13 -4.31 0.88
CA TYR A 16 2.56 -4.89 2.10
C TYR A 16 2.91 -6.37 2.20
N LYS A 17 2.48 -6.99 3.31
CA LYS A 17 2.73 -8.41 3.52
C LYS A 17 1.43 -9.20 3.53
N ASN A 18 1.28 -10.09 2.55
CA ASN A 18 0.09 -10.91 2.44
C ASN A 18 0.01 -11.92 3.59
N ASP A 19 -0.97 -12.82 3.50
CA ASP A 19 -1.15 -13.83 4.53
C ASP A 19 0.12 -14.68 4.69
N ALA A 20 0.91 -14.75 3.64
CA ALA A 20 2.15 -15.52 3.66
C ALA A 20 3.32 -14.66 4.14
N GLY A 21 3.01 -13.48 4.67
CA GLY A 21 4.05 -12.59 5.16
C GLY A 21 5.15 -12.36 4.15
N LYS A 22 4.76 -12.16 2.89
CA LYS A 22 5.72 -11.94 1.82
C LYS A 22 5.48 -10.58 1.16
N ASP A 23 6.55 -10.00 0.61
CA ASP A 23 6.45 -8.71 -0.06
C ASP A 23 5.35 -8.73 -1.12
N THR A 24 4.64 -7.61 -1.23
CA THR A 24 3.55 -7.49 -2.20
C THR A 24 3.39 -6.06 -2.68
N PHE A 25 3.89 -5.78 -3.88
CA PHE A 25 3.80 -4.45 -4.47
C PHE A 25 2.42 -4.20 -5.05
N ILE A 26 1.88 -3.01 -4.82
CA ILE A 26 0.56 -2.64 -5.32
C ILE A 26 0.46 -1.13 -5.53
N LYS A 27 0.46 -0.71 -6.79
CA LYS A 27 0.35 0.71 -7.12
C LYS A 27 -0.91 1.31 -6.52
N CYS A 28 -0.77 2.52 -5.99
CA CYS A 28 -1.90 3.22 -5.38
C CYS A 28 -2.63 4.07 -6.41
N PRO A 29 -3.88 4.44 -6.08
CA PRO A 29 -4.72 5.25 -6.97
C PRO A 29 -4.22 6.70 -7.07
N LYS A 30 -4.53 7.34 -8.20
CA LYS A 30 -4.11 8.72 -8.42
C LYS A 30 -4.83 9.67 -7.47
N PHE A 31 -5.87 9.16 -6.81
CA PHE A 31 -6.64 9.97 -5.87
C PHE A 31 -5.73 10.67 -4.87
N ASP A 32 -6.19 11.81 -4.36
CA ASP A 32 -5.41 12.57 -3.39
C ASP A 32 -5.67 12.08 -1.97
N ASN A 33 -6.43 11.00 -1.85
CA ASN A 33 -6.75 10.42 -0.55
C ASN A 33 -5.98 9.13 -0.33
N LYS A 34 -5.61 8.46 -1.43
CA LYS A 34 -4.88 7.21 -1.35
C LYS A 34 -3.65 7.25 -2.24
N LYS A 35 -2.89 8.34 -2.16
CA LYS A 35 -1.67 8.50 -2.96
C LYS A 35 -0.43 8.51 -2.08
N CYS A 36 0.73 8.45 -2.71
CA CYS A 36 2.00 8.46 -1.98
C CYS A 36 2.53 9.88 -1.82
N THR A 37 2.70 10.29 -0.57
CA THR A 37 3.21 11.63 -0.28
C THR A 37 4.71 11.61 -0.02
N LYS A 38 5.22 10.46 0.41
CA LYS A 38 6.64 10.31 0.69
C LYS A 38 7.04 8.83 0.71
N ASP A 39 8.34 8.58 0.73
CA ASP A 39 8.85 7.21 0.75
C ASP A 39 8.86 6.65 2.16
N ASN A 40 8.63 5.35 2.28
CA ASN A 40 8.61 4.69 3.58
C ASN A 40 7.47 5.22 4.44
N ASN A 41 6.27 5.26 3.86
CA ASN A 41 5.10 5.74 4.58
C ASN A 41 4.29 4.58 5.14
N LYS A 42 3.14 4.91 5.72
CA LYS A 42 2.26 3.88 6.31
C LYS A 42 1.15 3.51 5.35
N CYS A 43 1.25 2.32 4.77
CA CYS A 43 0.25 1.83 3.83
C CYS A 43 -0.52 0.65 4.41
N THR A 44 -1.74 0.44 3.91
CA THR A 44 -2.57 -0.65 4.38
C THR A 44 -3.45 -1.20 3.25
N VAL A 45 -3.32 -2.50 2.99
CA VAL A 45 -4.10 -3.14 1.94
C VAL A 45 -5.10 -4.14 2.53
N ASP A 46 -6.37 -3.97 2.19
CA ASP A 46 -7.42 -4.85 2.67
C ASP A 46 -7.68 -5.98 1.69
N THR A 47 -6.90 -7.05 1.81
CA THR A 47 -7.05 -8.20 0.92
C THR A 47 -8.48 -8.73 0.94
N TYR A 48 -9.18 -8.49 2.04
CA TYR A 48 -10.56 -8.95 2.17
C TYR A 48 -11.40 -8.48 0.99
N ASN A 49 -11.33 -7.19 0.69
CA ASN A 49 -12.08 -6.62 -0.43
C ASN A 49 -11.14 -6.13 -1.53
N ASN A 50 -9.89 -6.57 -1.47
CA ASN A 50 -8.89 -6.18 -2.46
C ASN A 50 -8.85 -4.65 -2.62
N ALA A 51 -8.81 -3.96 -1.48
CA ALA A 51 -8.76 -2.50 -1.48
C ALA A 51 -7.40 -1.99 -1.03
N VAL A 52 -6.99 -0.84 -1.54
CA VAL A 52 -5.71 -0.25 -1.19
C VAL A 52 -5.90 1.01 -0.35
N ASP A 53 -4.92 1.30 0.51
CA ASP A 53 -4.99 2.47 1.37
C ASP A 53 -3.59 3.03 1.63
N CYS A 54 -3.26 4.14 0.97
CA CYS A 54 -1.96 4.77 1.13
C CYS A 54 -2.01 5.84 2.21
N ASP A 55 -0.88 6.03 2.89
CA ASP A 55 -0.78 7.01 3.96
C ASP A 55 -1.26 8.37 3.48
N ALA A 1 -9.39 -6.47 7.67
CA ALA A 1 -8.04 -7.00 7.78
C ALA A 1 -7.13 -6.38 6.72
N LYS A 2 -6.74 -5.13 6.94
CA LYS A 2 -5.87 -4.43 6.01
C LYS A 2 -4.40 -4.71 6.31
N TYR A 3 -3.69 -5.26 5.34
CA TYR A 3 -2.28 -5.57 5.51
C TYR A 3 -1.44 -4.31 5.58
N THR A 4 -0.52 -4.27 6.54
CA THR A 4 0.36 -3.11 6.72
C THR A 4 1.65 -3.28 5.95
N GLY A 5 2.12 -2.18 5.35
CA GLY A 5 3.36 -2.23 4.58
C GLY A 5 4.03 -0.88 4.49
N LYS A 6 4.71 -0.63 3.36
CA LYS A 6 5.40 0.63 3.16
C LYS A 6 5.07 1.20 1.78
N CYS A 7 4.95 2.52 1.70
CA CYS A 7 4.64 3.19 0.46
C CYS A 7 5.91 3.55 -0.31
N THR A 8 5.76 3.98 -1.56
CA THR A 8 6.89 4.34 -2.40
C THR A 8 6.55 5.51 -3.31
N LYS A 9 7.37 6.55 -3.26
CA LYS A 9 7.16 7.74 -4.09
C LYS A 9 7.66 7.50 -5.51
N SER A 10 8.46 6.46 -5.70
CA SER A 10 8.99 6.12 -7.00
C SER A 10 7.88 6.04 -8.04
N LYS A 11 6.94 5.14 -7.83
CA LYS A 11 5.81 4.95 -8.73
C LYS A 11 4.51 4.76 -7.97
N ASN A 12 4.44 5.36 -6.79
CA ASN A 12 3.24 5.27 -5.94
C ASN A 12 2.83 3.81 -5.76
N GLU A 13 3.69 3.04 -5.09
CA GLU A 13 3.41 1.63 -4.84
C GLU A 13 3.49 1.31 -3.35
N CYS A 14 2.80 0.24 -2.94
CA CYS A 14 2.80 -0.17 -1.54
C CYS A 14 3.23 -1.62 -1.40
N LYS A 15 4.29 -1.85 -0.65
CA LYS A 15 4.79 -3.21 -0.43
C LYS A 15 4.49 -3.67 0.99
N TYR A 16 3.46 -4.50 1.13
CA TYR A 16 3.07 -5.02 2.44
C TYR A 16 3.42 -6.51 2.56
N LYS A 17 3.05 -7.10 3.68
CA LYS A 17 3.31 -8.51 3.92
C LYS A 17 2.02 -9.30 4.09
N ASN A 18 1.75 -10.20 3.17
CA ASN A 18 0.54 -11.01 3.21
C ASN A 18 0.56 -11.94 4.43
N ASP A 19 -0.45 -12.81 4.52
CA ASP A 19 -0.54 -13.75 5.62
C ASP A 19 0.69 -14.64 5.69
N ALA A 20 1.35 -14.82 4.55
CA ALA A 20 2.55 -15.65 4.48
C ALA A 20 3.81 -14.81 4.68
N GLY A 21 3.62 -13.58 5.14
CA GLY A 21 4.75 -12.69 5.38
C GLY A 21 5.64 -12.57 4.16
N LYS A 22 5.03 -12.37 2.99
CA LYS A 22 5.79 -12.24 1.75
C LYS A 22 5.57 -10.86 1.13
N ASP A 23 6.55 -10.39 0.38
CA ASP A 23 6.47 -9.09 -0.27
C ASP A 23 5.26 -9.02 -1.19
N THR A 24 4.57 -7.88 -1.18
CA THR A 24 3.39 -7.69 -2.01
C THR A 24 3.27 -6.23 -2.44
N PHE A 25 3.77 -5.93 -3.63
CA PHE A 25 3.72 -4.57 -4.17
C PHE A 25 2.38 -4.32 -4.86
N ILE A 26 1.69 -3.27 -4.44
CA ILE A 26 0.40 -2.92 -5.02
C ILE A 26 0.29 -1.41 -5.26
N LYS A 27 0.06 -1.02 -6.51
CA LYS A 27 -0.07 0.38 -6.86
C LYS A 27 -1.23 1.03 -6.11
N CYS A 28 -0.99 2.22 -5.57
CA CYS A 28 -2.00 2.94 -4.82
C CYS A 28 -2.89 3.77 -5.76
N PRO A 29 -4.05 4.19 -5.26
CA PRO A 29 -5.01 4.98 -6.03
C PRO A 29 -4.50 6.40 -6.29
N LYS A 30 -4.96 6.99 -7.38
CA LYS A 30 -4.56 8.35 -7.74
C LYS A 30 -5.23 9.37 -6.83
N PHE A 31 -6.15 8.91 -6.00
CA PHE A 31 -6.87 9.79 -5.08
C PHE A 31 -5.89 10.65 -4.30
N ASP A 32 -6.38 11.81 -3.84
CA ASP A 32 -5.55 12.73 -3.07
C ASP A 32 -5.61 12.41 -1.59
N ASN A 33 -6.27 11.30 -1.25
CA ASN A 33 -6.41 10.90 0.14
C ASN A 33 -5.69 9.57 0.39
N LYS A 34 -5.46 8.81 -0.68
CA LYS A 34 -4.78 7.53 -0.58
C LYS A 34 -3.60 7.45 -1.56
N LYS A 35 -2.70 8.41 -1.46
CA LYS A 35 -1.53 8.46 -2.33
C LYS A 35 -0.24 8.37 -1.52
N CYS A 36 0.84 7.96 -2.18
CA CYS A 36 2.14 7.85 -1.52
C CYS A 36 2.89 9.17 -1.57
N THR A 37 2.54 10.07 -0.66
CA THR A 37 3.18 11.38 -0.59
C THR A 37 4.70 11.24 -0.55
N LYS A 38 5.18 10.20 0.13
CA LYS A 38 6.61 9.96 0.25
C LYS A 38 6.91 8.45 0.23
N ASP A 39 8.16 8.11 0.43
CA ASP A 39 8.59 6.71 0.43
C ASP A 39 8.71 6.17 1.86
N ASN A 40 8.52 4.88 2.02
CA ASN A 40 8.60 4.24 3.33
C ASN A 40 7.58 4.84 4.29
N ASN A 41 6.37 5.06 3.80
CA ASN A 41 5.30 5.63 4.61
C ASN A 41 4.38 4.54 5.15
N LYS A 42 3.30 4.96 5.80
CA LYS A 42 2.34 4.01 6.37
C LYS A 42 1.13 3.86 5.46
N CYS A 43 0.94 2.66 4.92
CA CYS A 43 -0.17 2.39 4.03
C CYS A 43 -0.80 1.02 4.34
N THR A 44 -2.02 0.82 3.88
CA THR A 44 -2.73 -0.43 4.12
C THR A 44 -3.38 -0.95 2.84
N VAL A 45 -3.72 -2.23 2.83
CA VAL A 45 -4.36 -2.84 1.66
C VAL A 45 -5.41 -3.86 2.09
N ASP A 46 -6.61 -3.74 1.51
CA ASP A 46 -7.70 -4.65 1.83
C ASP A 46 -7.91 -5.65 0.70
N THR A 47 -7.11 -6.72 0.71
CA THR A 47 -7.21 -7.77 -0.30
C THR A 47 -8.62 -8.35 -0.35
N TYR A 48 -9.34 -8.23 0.75
CA TYR A 48 -10.70 -8.76 0.83
C TYR A 48 -11.66 -7.94 -0.04
N ASN A 49 -11.45 -6.62 -0.05
CA ASN A 49 -12.30 -5.74 -0.84
C ASN A 49 -11.55 -5.23 -2.07
N ASN A 50 -10.40 -5.84 -2.34
CA ASN A 50 -9.59 -5.44 -3.50
C ASN A 50 -9.35 -3.94 -3.50
N ALA A 51 -9.30 -3.34 -2.32
CA ALA A 51 -9.07 -1.91 -2.19
C ALA A 51 -7.68 -1.62 -1.64
N VAL A 52 -7.07 -0.54 -2.12
CA VAL A 52 -5.74 -0.15 -1.68
C VAL A 52 -5.77 1.19 -0.95
N ASP A 53 -4.94 1.32 0.08
CA ASP A 53 -4.87 2.56 0.85
C ASP A 53 -3.43 3.08 0.92
N CYS A 54 -3.30 4.37 1.17
CA CYS A 54 -1.98 5.00 1.25
C CYS A 54 -2.01 6.22 2.18
N ASP A 55 -0.95 6.40 2.94
CA ASP A 55 -0.86 7.53 3.86
C ASP A 55 -1.16 8.85 3.14
N ALA A 1 -7.54 -4.87 10.85
CA ALA A 1 -7.58 -5.58 9.57
C ALA A 1 -6.56 -5.01 8.59
N LYS A 2 -6.63 -5.47 7.35
CA LYS A 2 -5.72 -5.00 6.31
C LYS A 2 -4.28 -5.34 6.67
N TYR A 3 -3.41 -5.33 5.66
CA TYR A 3 -2.00 -5.65 5.86
C TYR A 3 -1.15 -4.38 5.88
N THR A 4 -0.22 -4.30 6.83
CA THR A 4 0.65 -3.15 6.95
C THR A 4 1.92 -3.32 6.11
N GLY A 5 2.15 -2.39 5.20
CA GLY A 5 3.33 -2.45 4.35
C GLY A 5 4.12 -1.16 4.36
N LYS A 6 4.39 -0.63 3.17
CA LYS A 6 5.13 0.62 3.03
C LYS A 6 4.99 1.19 1.63
N CYS A 7 4.66 2.47 1.55
CA CYS A 7 4.51 3.15 0.26
C CYS A 7 5.80 3.82 -0.17
N THR A 8 6.03 3.87 -1.48
CA THR A 8 7.24 4.48 -2.02
C THR A 8 6.89 5.65 -2.93
N LYS A 9 7.78 6.63 -2.99
CA LYS A 9 7.57 7.82 -3.83
C LYS A 9 8.10 7.58 -5.24
N SER A 10 8.89 6.52 -5.40
CA SER A 10 9.47 6.19 -6.70
C SER A 10 8.39 6.14 -7.78
N LYS A 11 7.50 5.17 -7.65
CA LYS A 11 6.42 4.99 -8.61
C LYS A 11 5.08 4.80 -7.90
N ASN A 12 4.97 5.34 -6.69
CA ASN A 12 3.75 5.23 -5.90
C ASN A 12 3.31 3.77 -5.79
N GLU A 13 4.08 2.97 -5.06
CA GLU A 13 3.77 1.56 -4.89
C GLU A 13 3.78 1.18 -3.42
N CYS A 14 2.91 0.24 -3.04
CA CYS A 14 2.83 -0.21 -1.65
C CYS A 14 3.23 -1.68 -1.54
N LYS A 15 4.25 -1.95 -0.73
CA LYS A 15 4.73 -3.31 -0.54
C LYS A 15 4.25 -3.86 0.80
N TYR A 16 3.09 -4.51 0.78
CA TYR A 16 2.52 -5.10 1.99
C TYR A 16 2.83 -6.59 2.07
N LYS A 17 2.37 -7.22 3.15
CA LYS A 17 2.59 -8.64 3.35
C LYS A 17 1.28 -9.42 3.30
N ASN A 18 1.21 -10.39 2.39
CA ASN A 18 0.02 -11.20 2.23
C ASN A 18 -0.14 -12.18 3.39
N ASP A 19 -1.12 -13.08 3.29
CA ASP A 19 -1.36 -14.06 4.33
C ASP A 19 -0.13 -14.92 4.58
N ALA A 20 0.73 -15.02 3.56
CA ALA A 20 1.95 -15.81 3.68
C ALA A 20 3.11 -14.96 4.17
N GLY A 21 2.80 -13.74 4.63
CA GLY A 21 3.83 -12.85 5.13
C GLY A 21 4.97 -12.69 4.15
N LYS A 22 4.65 -12.53 2.87
CA LYS A 22 5.66 -12.36 1.83
C LYS A 22 5.50 -11.02 1.13
N ASP A 23 6.56 -10.57 0.46
CA ASP A 23 6.54 -9.31 -0.26
C ASP A 23 5.34 -9.25 -1.20
N THR A 24 4.72 -8.08 -1.30
CA THR A 24 3.57 -7.88 -2.16
C THR A 24 3.42 -6.42 -2.57
N PHE A 25 3.90 -6.08 -3.75
CA PHE A 25 3.81 -4.71 -4.25
C PHE A 25 2.49 -4.46 -4.95
N ILE A 26 1.87 -3.32 -4.69
CA ILE A 26 0.61 -2.97 -5.30
C ILE A 26 0.51 -1.47 -5.56
N LYS A 27 0.52 -1.09 -6.84
CA LYS A 27 0.42 0.30 -7.22
C LYS A 27 -0.75 0.99 -6.53
N CYS A 28 -0.54 2.24 -6.10
CA CYS A 28 -1.59 2.99 -5.43
C CYS A 28 -2.20 4.02 -6.37
N PRO A 29 -3.41 4.50 -6.02
CA PRO A 29 -4.13 5.49 -6.82
C PRO A 29 -3.46 6.86 -6.79
N LYS A 30 -4.12 7.85 -7.38
CA LYS A 30 -3.59 9.21 -7.42
C LYS A 30 -4.51 10.18 -6.68
N PHE A 31 -5.54 9.63 -6.04
CA PHE A 31 -6.49 10.45 -5.29
C PHE A 31 -5.77 11.38 -4.32
N ASP A 32 -6.50 12.32 -3.75
CA ASP A 32 -5.94 13.28 -2.81
C ASP A 32 -6.01 12.75 -1.38
N ASN A 33 -6.38 11.48 -1.25
CA ASN A 33 -6.49 10.85 0.06
C ASN A 33 -6.06 9.39 0.01
N LYS A 34 -5.38 9.03 -1.07
CA LYS A 34 -4.91 7.66 -1.25
C LYS A 34 -3.63 7.63 -2.08
N LYS A 35 -2.96 8.77 -2.18
CA LYS A 35 -1.73 8.88 -2.94
C LYS A 35 -0.52 8.90 -2.02
N CYS A 36 0.66 8.59 -2.58
CA CYS A 36 1.89 8.57 -1.80
C CYS A 36 2.43 9.99 -1.61
N THR A 37 2.73 10.34 -0.37
CA THR A 37 3.26 11.66 -0.06
C THR A 37 4.76 11.61 0.19
N LYS A 38 5.26 10.42 0.56
CA LYS A 38 6.68 10.24 0.82
C LYS A 38 7.05 8.77 0.79
N ASP A 39 8.35 8.48 0.84
CA ASP A 39 8.83 7.10 0.82
C ASP A 39 8.79 6.50 2.22
N ASN A 40 8.61 5.19 2.28
CA ASN A 40 8.56 4.49 3.56
C ASN A 40 7.44 5.04 4.44
N ASN A 41 6.25 5.14 3.87
CA ASN A 41 5.09 5.65 4.60
C ASN A 41 4.25 4.51 5.16
N LYS A 42 3.12 4.86 5.76
CA LYS A 42 2.22 3.86 6.34
C LYS A 42 1.12 3.48 5.35
N CYS A 43 1.22 2.27 4.80
CA CYS A 43 0.23 1.79 3.84
C CYS A 43 -0.63 0.69 4.45
N THR A 44 -1.80 0.46 3.86
CA THR A 44 -2.72 -0.56 4.34
C THR A 44 -3.56 -1.13 3.21
N VAL A 45 -3.42 -2.43 2.97
CA VAL A 45 -4.17 -3.09 1.91
C VAL A 45 -5.21 -4.05 2.49
N ASP A 46 -6.37 -4.10 1.84
CA ASP A 46 -7.45 -4.98 2.29
C ASP A 46 -7.69 -6.11 1.30
N THR A 47 -6.85 -7.13 1.35
CA THR A 47 -6.95 -8.27 0.46
C THR A 47 -8.37 -8.83 0.46
N TYR A 48 -9.08 -8.62 1.56
CA TYR A 48 -10.45 -9.10 1.70
C TYR A 48 -11.33 -8.59 0.56
N ASN A 49 -11.33 -7.27 0.36
CA ASN A 49 -12.12 -6.64 -0.69
C ASN A 49 -11.22 -6.07 -1.78
N ASN A 50 -9.96 -6.50 -1.79
CA ASN A 50 -9.00 -6.03 -2.78
C ASN A 50 -9.01 -4.50 -2.87
N ALA A 51 -8.91 -3.86 -1.70
CA ALA A 51 -8.90 -2.41 -1.65
C ALA A 51 -7.58 -1.89 -1.07
N VAL A 52 -6.87 -1.10 -1.86
CA VAL A 52 -5.59 -0.54 -1.43
C VAL A 52 -5.78 0.81 -0.75
N ASP A 53 -4.89 1.13 0.18
CA ASP A 53 -4.96 2.39 0.91
C ASP A 53 -3.57 2.88 1.28
N CYS A 54 -3.14 3.98 0.67
CA CYS A 54 -1.84 4.55 0.93
C CYS A 54 -1.93 5.72 1.90
N ASP A 55 -0.89 5.92 2.70
CA ASP A 55 -0.86 7.01 3.67
C ASP A 55 -1.17 8.34 3.01
N ALA A 1 -9.74 -5.74 8.48
CA ALA A 1 -8.35 -6.17 8.56
C ALA A 1 -7.56 -5.75 7.32
N LYS A 2 -6.69 -4.77 7.48
CA LYS A 2 -5.88 -4.28 6.38
C LYS A 2 -4.40 -4.59 6.60
N TYR A 3 -3.74 -5.06 5.56
CA TYR A 3 -2.32 -5.41 5.64
C TYR A 3 -1.48 -4.16 5.92
N THR A 4 -0.20 -4.37 6.19
CA THR A 4 0.71 -3.27 6.46
C THR A 4 2.03 -3.44 5.73
N GLY A 5 2.62 -2.33 5.31
CA GLY A 5 3.89 -2.39 4.60
C GLY A 5 4.56 -1.04 4.50
N LYS A 6 4.89 -0.62 3.28
CA LYS A 6 5.54 0.66 3.05
C LYS A 6 5.21 1.20 1.65
N CYS A 7 5.04 2.51 1.56
CA CYS A 7 4.72 3.15 0.29
C CYS A 7 5.93 3.90 -0.26
N THR A 8 6.07 3.90 -1.58
CA THR A 8 7.18 4.58 -2.24
C THR A 8 6.70 5.78 -3.04
N LYS A 9 7.58 6.76 -3.20
CA LYS A 9 7.25 7.97 -3.95
C LYS A 9 7.78 7.89 -5.38
N SER A 10 8.32 6.73 -5.74
CA SER A 10 8.87 6.52 -7.07
C SER A 10 7.76 6.18 -8.07
N LYS A 11 7.10 5.05 -7.84
CA LYS A 11 6.02 4.61 -8.72
C LYS A 11 4.71 4.54 -7.96
N ASN A 12 4.68 5.11 -6.76
CA ASN A 12 3.48 5.12 -5.93
C ASN A 12 2.92 3.71 -5.79
N GLU A 13 3.52 2.93 -4.89
CA GLU A 13 3.08 1.56 -4.65
C GLU A 13 3.08 1.24 -3.16
N CYS A 14 2.85 -0.03 -2.83
CA CYS A 14 2.82 -0.46 -1.44
C CYS A 14 3.38 -1.87 -1.30
N LYS A 15 4.47 -2.00 -0.56
CA LYS A 15 5.11 -3.30 -0.35
C LYS A 15 4.66 -3.91 0.97
N TYR A 16 3.52 -4.59 0.94
CA TYR A 16 2.98 -5.23 2.14
C TYR A 16 3.39 -6.70 2.21
N LYS A 17 3.13 -7.33 3.34
CA LYS A 17 3.46 -8.74 3.54
C LYS A 17 2.23 -9.62 3.36
N ASN A 18 2.30 -10.54 2.40
CA ASN A 18 1.20 -11.44 2.12
C ASN A 18 1.02 -12.44 3.26
N ASP A 19 0.10 -13.38 3.07
CA ASP A 19 -0.17 -14.40 4.09
C ASP A 19 1.01 -15.36 4.21
N ALA A 20 1.87 -15.36 3.21
CA ALA A 20 3.05 -16.24 3.21
C ALA A 20 4.27 -15.52 3.75
N GLY A 21 4.04 -14.41 4.44
CA GLY A 21 5.14 -13.65 5.00
C GLY A 21 6.20 -13.32 3.97
N LYS A 22 5.78 -12.80 2.82
CA LYS A 22 6.70 -12.45 1.75
C LYS A 22 6.39 -11.07 1.19
N ASP A 23 7.38 -10.44 0.56
CA ASP A 23 7.20 -9.12 -0.04
C ASP A 23 6.02 -9.11 -1.01
N THR A 24 5.38 -7.96 -1.15
CA THR A 24 4.25 -7.82 -2.04
C THR A 24 4.03 -6.36 -2.43
N PHE A 25 4.58 -5.97 -3.58
CA PHE A 25 4.45 -4.60 -4.06
C PHE A 25 3.17 -4.43 -4.86
N ILE A 26 2.36 -3.45 -4.48
CA ILE A 26 1.10 -3.19 -5.16
C ILE A 26 0.92 -1.69 -5.43
N LYS A 27 0.89 -1.33 -6.71
CA LYS A 27 0.72 0.07 -7.10
C LYS A 27 -0.49 0.69 -6.40
N CYS A 28 -0.29 1.89 -5.84
CA CYS A 28 -1.35 2.59 -5.15
C CYS A 28 -2.15 3.46 -6.11
N PRO A 29 -3.36 3.85 -5.69
CA PRO A 29 -4.25 4.70 -6.50
C PRO A 29 -3.73 6.13 -6.63
N LYS A 30 -4.49 6.98 -7.31
CA LYS A 30 -4.10 8.36 -7.52
C LYS A 30 -5.08 9.30 -6.83
N PHE A 31 -6.04 8.73 -6.10
CA PHE A 31 -7.04 9.52 -5.39
C PHE A 31 -6.39 10.61 -4.55
N ASP A 32 -7.20 11.53 -4.06
CA ASP A 32 -6.69 12.64 -3.25
C ASP A 32 -6.69 12.25 -1.76
N ASN A 33 -6.93 10.98 -1.49
CA ASN A 33 -6.96 10.48 -0.12
C ASN A 33 -6.40 9.06 -0.04
N LYS A 34 -5.71 8.65 -1.09
CA LYS A 34 -5.12 7.31 -1.15
C LYS A 34 -3.83 7.32 -1.97
N LYS A 35 -3.28 8.50 -2.18
CA LYS A 35 -2.04 8.64 -2.94
C LYS A 35 -0.83 8.73 -2.02
N CYS A 36 0.35 8.44 -2.55
CA CYS A 36 1.57 8.49 -1.78
C CYS A 36 2.11 9.92 -1.69
N THR A 37 2.45 10.35 -0.47
CA THR A 37 2.97 11.68 -0.26
C THR A 37 4.49 11.67 -0.13
N LYS A 38 5.04 10.53 0.27
CA LYS A 38 6.48 10.39 0.43
C LYS A 38 6.89 8.92 0.43
N ASP A 39 8.19 8.68 0.44
CA ASP A 39 8.71 7.31 0.44
C ASP A 39 8.81 6.78 1.87
N ASN A 40 8.80 5.46 2.00
CA ASN A 40 8.89 4.82 3.32
C ASN A 40 7.75 5.27 4.22
N ASN A 41 6.55 5.35 3.65
CA ASN A 41 5.37 5.78 4.41
C ASN A 41 4.58 4.56 4.90
N LYS A 42 3.41 4.83 5.47
CA LYS A 42 2.56 3.76 5.98
C LYS A 42 1.41 3.48 5.01
N CYS A 43 1.41 2.27 4.44
CA CYS A 43 0.38 1.88 3.50
C CYS A 43 -0.47 0.74 4.06
N THR A 44 -1.74 0.70 3.68
CA THR A 44 -2.66 -0.33 4.15
C THR A 44 -3.62 -0.77 3.04
N VAL A 45 -3.57 -2.04 2.69
CA VAL A 45 -4.43 -2.58 1.65
C VAL A 45 -5.66 -3.27 2.24
N ASP A 46 -6.83 -2.88 1.77
CA ASP A 46 -8.09 -3.46 2.27
C ASP A 46 -8.47 -4.69 1.45
N THR A 47 -7.92 -5.84 1.84
CA THR A 47 -8.21 -7.10 1.14
C THR A 47 -9.69 -7.42 1.19
N TYR A 48 -10.39 -6.83 2.15
CA TYR A 48 -11.82 -7.07 2.31
C TYR A 48 -12.58 -6.74 1.02
N ASN A 49 -12.45 -5.48 0.58
CA ASN A 49 -13.11 -5.04 -0.64
C ASN A 49 -12.09 -4.73 -1.74
N ASN A 50 -10.88 -5.26 -1.58
CA ASN A 50 -9.83 -5.04 -2.55
C ASN A 50 -9.66 -3.55 -2.85
N ALA A 51 -9.58 -2.75 -1.81
CA ALA A 51 -9.43 -1.30 -1.96
C ALA A 51 -8.17 -0.80 -1.25
N VAL A 52 -7.11 -0.56 -2.01
CA VAL A 52 -5.86 -0.08 -1.45
C VAL A 52 -6.05 1.23 -0.70
N ASP A 53 -5.23 1.45 0.31
CA ASP A 53 -5.31 2.67 1.11
C ASP A 53 -3.95 3.02 1.71
N CYS A 54 -3.21 3.87 1.02
CA CYS A 54 -1.89 4.29 1.49
C CYS A 54 -1.83 5.80 1.71
N ASP A 55 -0.75 6.26 2.30
CA ASP A 55 -0.58 7.69 2.57
C ASP A 55 0.46 8.29 1.65
N ALA A 1 -10.16 -7.00 6.52
CA ALA A 1 -8.80 -7.43 6.84
C ALA A 1 -7.79 -6.81 5.87
N LYS A 2 -7.01 -5.86 6.39
CA LYS A 2 -6.00 -5.19 5.57
C LYS A 2 -4.60 -5.41 6.14
N TYR A 3 -3.59 -5.23 5.30
CA TYR A 3 -2.20 -5.41 5.73
C TYR A 3 -1.52 -4.06 5.92
N THR A 4 -0.21 -4.10 6.19
CA THR A 4 0.57 -2.89 6.40
C THR A 4 1.98 -3.05 5.87
N GLY A 5 2.42 -2.10 5.05
CA GLY A 5 3.76 -2.15 4.50
C GLY A 5 4.40 -0.79 4.40
N LYS A 6 4.95 -0.48 3.22
CA LYS A 6 5.61 0.80 3.00
C LYS A 6 5.24 1.37 1.64
N CYS A 7 4.94 2.67 1.59
CA CYS A 7 4.57 3.33 0.35
C CYS A 7 5.80 3.93 -0.33
N THR A 8 5.90 3.72 -1.64
CA THR A 8 7.02 4.25 -2.41
C THR A 8 6.63 5.51 -3.17
N LYS A 9 7.30 6.60 -2.88
CA LYS A 9 7.02 7.88 -3.53
C LYS A 9 7.63 7.91 -4.94
N SER A 10 8.36 6.85 -5.29
CA SER A 10 8.99 6.76 -6.59
C SER A 10 7.94 6.53 -7.69
N LYS A 11 7.20 5.42 -7.57
CA LYS A 11 6.18 5.08 -8.54
C LYS A 11 4.83 4.86 -7.85
N ASN A 12 4.69 5.41 -6.66
CA ASN A 12 3.45 5.28 -5.89
C ASN A 12 3.03 3.81 -5.79
N GLU A 13 3.83 3.02 -5.08
CA GLU A 13 3.54 1.61 -4.92
C GLU A 13 3.65 1.20 -3.45
N CYS A 14 2.71 0.38 -2.99
CA CYS A 14 2.69 -0.08 -1.62
C CYS A 14 3.19 -1.53 -1.52
N LYS A 15 4.21 -1.73 -0.69
CA LYS A 15 4.79 -3.06 -0.51
C LYS A 15 4.35 -3.66 0.82
N TYR A 16 3.14 -4.21 0.84
CA TYR A 16 2.60 -4.82 2.06
C TYR A 16 2.91 -6.31 2.09
N LYS A 17 2.64 -6.93 3.24
CA LYS A 17 2.88 -8.36 3.42
C LYS A 17 1.57 -9.13 3.46
N ASN A 18 1.44 -10.11 2.56
CA ASN A 18 0.23 -10.93 2.49
C ASN A 18 0.11 -11.82 3.73
N ASP A 19 -0.89 -12.68 3.73
CA ASP A 19 -1.13 -13.58 4.85
C ASP A 19 -0.03 -14.63 4.95
N ALA A 20 0.77 -14.74 3.89
CA ALA A 20 1.87 -15.70 3.87
C ALA A 20 3.13 -15.12 4.49
N GLY A 21 3.16 -13.79 4.61
CA GLY A 21 4.32 -13.13 5.20
C GLY A 21 5.39 -12.82 4.16
N LYS A 22 4.97 -12.54 2.94
CA LYS A 22 5.90 -12.23 1.86
C LYS A 22 5.60 -10.86 1.27
N ASP A 23 6.62 -10.24 0.68
CA ASP A 23 6.46 -8.93 0.06
C ASP A 23 5.28 -8.91 -0.90
N THR A 24 4.72 -7.72 -1.13
CA THR A 24 3.59 -7.56 -2.02
C THR A 24 3.46 -6.12 -2.51
N PHE A 25 4.02 -5.85 -3.67
CA PHE A 25 3.97 -4.50 -4.25
C PHE A 25 2.69 -4.30 -5.04
N ILE A 26 1.97 -3.22 -4.74
CA ILE A 26 0.73 -2.91 -5.43
C ILE A 26 0.59 -1.41 -5.66
N LYS A 27 0.40 -1.03 -6.92
CA LYS A 27 0.26 0.38 -7.27
C LYS A 27 -0.91 1.01 -6.52
N CYS A 28 -0.69 2.23 -6.00
CA CYS A 28 -1.72 2.93 -5.25
C CYS A 28 -2.51 3.87 -6.16
N PRO A 29 -3.70 4.27 -5.71
CA PRO A 29 -4.57 5.17 -6.47
C PRO A 29 -4.02 6.59 -6.55
N LYS A 30 -4.54 7.37 -7.48
CA LYS A 30 -4.10 8.75 -7.65
C LYS A 30 -4.83 9.68 -6.69
N PHE A 31 -5.65 9.10 -5.82
CA PHE A 31 -6.41 9.89 -4.84
C PHE A 31 -5.48 10.82 -4.06
N ASP A 32 -6.08 11.73 -3.29
CA ASP A 32 -5.31 12.67 -2.50
C ASP A 32 -5.23 12.23 -1.05
N ASN A 33 -5.82 11.07 -0.76
CA ASN A 33 -5.81 10.52 0.59
C ASN A 33 -5.48 9.04 0.58
N LYS A 34 -5.10 8.53 -0.59
CA LYS A 34 -4.76 7.13 -0.74
C LYS A 34 -3.56 6.94 -1.66
N LYS A 35 -2.69 7.96 -1.68
CA LYS A 35 -1.49 7.92 -2.52
C LYS A 35 -0.23 8.01 -1.66
N CYS A 36 0.88 7.50 -2.20
CA CYS A 36 2.14 7.54 -1.48
C CYS A 36 2.68 8.96 -1.38
N THR A 37 2.31 9.65 -0.30
CA THR A 37 2.76 11.02 -0.08
C THR A 37 4.27 11.10 0.04
N LYS A 38 4.88 10.00 0.45
CA LYS A 38 6.34 9.93 0.60
C LYS A 38 6.80 8.49 0.78
N ASP A 39 8.13 8.30 0.80
CA ASP A 39 8.70 6.98 0.97
C ASP A 39 8.66 6.55 2.43
N ASN A 40 8.64 5.24 2.65
CA ASN A 40 8.61 4.70 4.01
C ASN A 40 7.36 5.19 4.75
N ASN A 41 6.21 5.10 4.09
CA ASN A 41 4.95 5.52 4.68
C ASN A 41 4.16 4.32 5.19
N LYS A 42 2.95 4.58 5.67
CA LYS A 42 2.08 3.52 6.18
C LYS A 42 0.95 3.23 5.21
N CYS A 43 1.07 2.12 4.49
CA CYS A 43 0.05 1.72 3.52
C CYS A 43 -0.94 0.72 4.14
N THR A 44 -2.04 0.49 3.44
CA THR A 44 -3.06 -0.44 3.93
C THR A 44 -3.90 -0.98 2.78
N VAL A 45 -3.81 -2.29 2.56
CA VAL A 45 -4.56 -2.94 1.50
C VAL A 45 -5.56 -3.95 2.06
N ASP A 46 -6.85 -3.61 1.97
CA ASP A 46 -7.90 -4.49 2.47
C ASP A 46 -8.24 -5.57 1.44
N THR A 47 -7.42 -6.62 1.40
CA THR A 47 -7.62 -7.71 0.46
C THR A 47 -9.04 -8.25 0.56
N TYR A 48 -9.63 -8.15 1.75
CA TYR A 48 -10.99 -8.62 1.97
C TYR A 48 -11.97 -7.95 1.01
N ASN A 49 -11.68 -6.70 0.64
CA ASN A 49 -12.52 -5.95 -0.28
C ASN A 49 -11.74 -5.50 -1.50
N ASN A 50 -10.52 -6.01 -1.64
CA ASN A 50 -9.66 -5.66 -2.76
C ASN A 50 -9.54 -4.15 -2.91
N ALA A 51 -9.19 -3.48 -1.82
CA ALA A 51 -9.04 -2.03 -1.82
C ALA A 51 -7.67 -1.62 -1.30
N VAL A 52 -6.86 -1.03 -2.19
CA VAL A 52 -5.52 -0.60 -1.82
C VAL A 52 -5.54 0.84 -1.29
N ASP A 53 -4.69 1.10 -0.29
CA ASP A 53 -4.61 2.43 0.30
C ASP A 53 -3.16 2.79 0.61
N CYS A 54 -2.89 4.09 0.73
CA CYS A 54 -1.55 4.57 1.02
C CYS A 54 -1.59 5.67 2.09
N ASP A 55 -0.62 5.64 2.99
CA ASP A 55 -0.54 6.62 4.06
C ASP A 55 -1.89 6.80 4.75
N ALA A 1 -9.57 -7.26 7.61
CA ALA A 1 -8.36 -6.66 8.16
C ALA A 1 -7.47 -6.11 7.04
N LYS A 2 -6.83 -4.98 7.32
CA LYS A 2 -5.95 -4.36 6.33
C LYS A 2 -4.49 -4.73 6.60
N TYR A 3 -3.74 -4.96 5.53
CA TYR A 3 -2.33 -5.34 5.64
C TYR A 3 -1.51 -4.15 6.10
N THR A 4 -0.19 -4.35 6.18
CA THR A 4 0.72 -3.30 6.59
C THR A 4 2.10 -3.47 5.95
N GLY A 5 2.64 -2.39 5.42
CA GLY A 5 3.94 -2.44 4.79
C GLY A 5 4.58 -1.06 4.65
N LYS A 6 4.60 -0.54 3.42
CA LYS A 6 5.18 0.77 3.17
C LYS A 6 4.98 1.18 1.72
N CYS A 7 4.68 2.45 1.50
CA CYS A 7 4.46 2.97 0.16
C CYS A 7 5.69 3.69 -0.36
N THR A 8 5.96 3.54 -1.65
CA THR A 8 7.12 4.17 -2.28
C THR A 8 6.71 5.38 -3.11
N LYS A 9 7.35 6.52 -2.83
CA LYS A 9 7.05 7.75 -3.56
C LYS A 9 7.69 7.73 -4.94
N SER A 10 8.45 6.69 -5.22
CA SER A 10 9.11 6.55 -6.51
C SER A 10 8.11 6.24 -7.62
N LYS A 11 7.35 5.17 -7.43
CA LYS A 11 6.35 4.76 -8.40
C LYS A 11 5.01 4.50 -7.72
N ASN A 12 4.82 5.07 -6.55
CA ASN A 12 3.58 4.90 -5.80
C ASN A 12 3.23 3.42 -5.65
N GLU A 13 4.23 2.62 -5.30
CA GLU A 13 4.03 1.18 -5.13
C GLU A 13 4.10 0.80 -3.65
N CYS A 14 3.25 -0.14 -3.25
CA CYS A 14 3.22 -0.60 -1.87
C CYS A 14 3.76 -2.03 -1.75
N LYS A 15 4.80 -2.18 -0.92
CA LYS A 15 5.41 -3.49 -0.73
C LYS A 15 5.00 -4.08 0.63
N TYR A 16 3.75 -4.50 0.72
CA TYR A 16 3.24 -5.09 1.97
C TYR A 16 3.59 -6.56 2.05
N LYS A 17 3.08 -7.23 3.09
CA LYS A 17 3.34 -8.65 3.30
C LYS A 17 2.08 -9.47 3.09
N ASN A 18 2.08 -10.31 2.08
CA ASN A 18 0.92 -11.15 1.77
C ASN A 18 0.63 -12.10 2.93
N ASP A 19 -0.34 -12.99 2.73
CA ASP A 19 -0.72 -13.96 3.75
C ASP A 19 0.30 -15.09 3.83
N ALA A 20 1.21 -15.13 2.87
CA ALA A 20 2.23 -16.17 2.83
C ALA A 20 3.42 -15.79 3.69
N GLY A 21 3.59 -14.49 3.94
CA GLY A 21 4.69 -14.03 4.76
C GLY A 21 5.86 -13.53 3.94
N LYS A 22 5.57 -13.01 2.75
CA LYS A 22 6.61 -12.51 1.86
C LYS A 22 6.22 -11.15 1.30
N ASP A 23 7.18 -10.48 0.65
CA ASP A 23 6.94 -9.16 0.07
C ASP A 23 5.84 -9.23 -0.99
N THR A 24 5.24 -8.08 -1.27
CA THR A 24 4.17 -8.00 -2.26
C THR A 24 3.98 -6.58 -2.76
N PHE A 25 4.38 -6.33 -3.99
CA PHE A 25 4.25 -5.00 -4.59
C PHE A 25 2.84 -4.78 -5.13
N ILE A 26 2.30 -3.59 -4.88
CA ILE A 26 0.96 -3.25 -5.34
C ILE A 26 0.84 -1.76 -5.63
N LYS A 27 0.59 -1.43 -6.89
CA LYS A 27 0.45 -0.04 -7.31
C LYS A 27 -0.67 0.64 -6.52
N CYS A 28 -0.41 1.87 -6.08
CA CYS A 28 -1.41 2.63 -5.33
C CYS A 28 -2.18 3.57 -6.24
N PRO A 29 -3.34 4.03 -5.76
CA PRO A 29 -4.21 4.95 -6.52
C PRO A 29 -3.61 6.34 -6.66
N LYS A 30 -4.28 7.20 -7.40
CA LYS A 30 -3.81 8.58 -7.61
C LYS A 30 -4.75 9.57 -6.94
N PHE A 31 -5.69 9.07 -6.16
CA PHE A 31 -6.65 9.92 -5.47
C PHE A 31 -5.94 11.02 -4.70
N ASP A 32 -6.71 12.00 -4.21
CA ASP A 32 -6.15 13.11 -3.45
C ASP A 32 -6.09 12.78 -1.96
N ASN A 33 -6.35 11.52 -1.63
CA ASN A 33 -6.33 11.08 -0.24
C ASN A 33 -5.88 9.62 -0.14
N LYS A 34 -5.27 9.13 -1.20
CA LYS A 34 -4.80 7.74 -1.24
C LYS A 34 -3.51 7.64 -2.05
N LYS A 35 -2.83 8.76 -2.24
CA LYS A 35 -1.59 8.79 -2.99
C LYS A 35 -0.38 8.76 -2.06
N CYS A 36 0.77 8.37 -2.60
CA CYS A 36 2.00 8.30 -1.81
C CYS A 36 2.51 9.69 -1.44
N THR A 37 2.32 10.08 -0.19
CA THR A 37 2.75 11.39 0.28
C THR A 37 4.26 11.41 0.54
N LYS A 38 4.81 10.25 0.91
CA LYS A 38 6.23 10.14 1.18
C LYS A 38 6.69 8.69 1.05
N ASP A 39 8.00 8.50 0.95
CA ASP A 39 8.58 7.16 0.82
C ASP A 39 8.63 6.46 2.17
N ASN A 40 8.33 5.16 2.16
CA ASN A 40 8.34 4.38 3.39
C ASN A 40 7.20 4.79 4.32
N ASN A 41 6.17 5.39 3.74
CA ASN A 41 5.01 5.83 4.51
C ASN A 41 4.26 4.65 5.10
N LYS A 42 3.06 4.90 5.62
CA LYS A 42 2.24 3.86 6.21
C LYS A 42 1.19 3.37 5.22
N CYS A 43 1.39 2.16 4.69
CA CYS A 43 0.47 1.57 3.73
C CYS A 43 -0.49 0.62 4.43
N THR A 44 -1.71 0.50 3.89
CA THR A 44 -2.72 -0.38 4.45
C THR A 44 -3.67 -0.89 3.37
N VAL A 45 -3.40 -2.10 2.88
CA VAL A 45 -4.25 -2.69 1.85
C VAL A 45 -5.41 -3.45 2.46
N ASP A 46 -6.62 -3.16 1.98
CA ASP A 46 -7.82 -3.82 2.48
C ASP A 46 -8.23 -4.97 1.56
N THR A 47 -7.60 -6.13 1.77
CA THR A 47 -7.89 -7.31 0.97
C THR A 47 -9.37 -7.69 1.06
N TYR A 48 -10.02 -7.24 2.12
CA TYR A 48 -11.43 -7.53 2.34
C TYR A 48 -12.28 -6.96 1.21
N ASN A 49 -12.04 -5.70 0.88
CA ASN A 49 -12.78 -5.02 -0.18
C ASN A 49 -11.89 -4.74 -1.39
N ASN A 50 -10.72 -5.40 -1.41
CA ASN A 50 -9.78 -5.23 -2.50
C ASN A 50 -9.50 -3.75 -2.76
N ALA A 51 -9.46 -2.97 -1.68
CA ALA A 51 -9.20 -1.54 -1.78
C ALA A 51 -7.88 -1.18 -1.09
N VAL A 52 -6.85 -0.94 -1.88
CA VAL A 52 -5.54 -0.58 -1.35
C VAL A 52 -5.52 0.87 -0.87
N ASP A 53 -4.77 1.12 0.20
CA ASP A 53 -4.66 2.46 0.75
C ASP A 53 -3.23 2.76 1.17
N CYS A 54 -2.82 4.02 1.00
CA CYS A 54 -1.46 4.43 1.36
C CYS A 54 -1.41 5.94 1.64
N ASP A 55 -0.35 6.38 2.30
CA ASP A 55 -0.18 7.79 2.63
C ASP A 55 1.28 8.22 2.45
N ALA A 1 -7.62 -7.50 9.38
CA ALA A 1 -8.02 -6.15 9.01
C ALA A 1 -6.94 -5.48 8.15
N LYS A 2 -6.87 -5.88 6.89
CA LYS A 2 -5.89 -5.32 5.97
C LYS A 2 -4.46 -5.61 6.43
N TYR A 3 -3.51 -5.46 5.53
CA TYR A 3 -2.10 -5.71 5.85
C TYR A 3 -1.29 -4.43 5.76
N THR A 4 -0.47 -4.18 6.78
CA THR A 4 0.36 -2.98 6.83
C THR A 4 1.62 -3.18 5.99
N GLY A 5 1.99 -2.14 5.24
CA GLY A 5 3.17 -2.21 4.41
C GLY A 5 3.93 -0.90 4.36
N LYS A 6 4.43 -0.54 3.18
CA LYS A 6 5.17 0.70 3.01
C LYS A 6 4.98 1.26 1.60
N CYS A 7 4.86 2.57 1.51
CA CYS A 7 4.67 3.23 0.22
C CYS A 7 6.02 3.66 -0.37
N THR A 8 6.05 3.83 -1.68
CA THR A 8 7.26 4.23 -2.37
C THR A 8 7.02 5.45 -3.26
N LYS A 9 7.84 6.48 -3.07
CA LYS A 9 7.71 7.71 -3.85
C LYS A 9 8.37 7.55 -5.22
N SER A 10 8.95 6.38 -5.46
CA SER A 10 9.63 6.11 -6.73
C SER A 10 8.61 5.89 -7.83
N LYS A 11 7.54 5.16 -7.53
CA LYS A 11 6.50 4.88 -8.50
C LYS A 11 5.15 4.70 -7.82
N ASN A 12 5.02 5.27 -6.62
CA ASN A 12 3.78 5.17 -5.86
C ASN A 12 3.32 3.73 -5.73
N GLU A 13 4.14 2.92 -5.06
CA GLU A 13 3.83 1.51 -4.87
C GLU A 13 3.76 1.16 -3.38
N CYS A 14 2.88 0.24 -3.03
CA CYS A 14 2.71 -0.18 -1.65
C CYS A 14 3.17 -1.62 -1.46
N LYS A 15 4.09 -1.84 -0.51
CA LYS A 15 4.60 -3.17 -0.23
C LYS A 15 4.08 -3.69 1.10
N TYR A 16 3.03 -4.50 1.05
CA TYR A 16 2.43 -5.07 2.24
C TYR A 16 2.80 -6.54 2.40
N LYS A 17 2.22 -7.19 3.42
CA LYS A 17 2.49 -8.59 3.67
C LYS A 17 1.20 -9.41 3.63
N ASN A 18 1.10 -10.29 2.64
CA ASN A 18 -0.09 -11.14 2.49
C ASN A 18 -0.28 -12.04 3.70
N ASP A 19 -1.26 -12.93 3.63
CA ASP A 19 -1.53 -13.85 4.72
C ASP A 19 -0.45 -14.92 4.82
N ALA A 20 0.37 -15.02 3.78
CA ALA A 20 1.45 -16.00 3.75
C ALA A 20 2.70 -15.47 4.45
N GLY A 21 2.72 -14.16 4.68
CA GLY A 21 3.85 -13.55 5.35
C GLY A 21 4.97 -13.19 4.38
N LYS A 22 4.58 -12.80 3.17
CA LYS A 22 5.56 -12.42 2.15
C LYS A 22 5.24 -11.04 1.59
N ASP A 23 6.26 -10.36 1.10
CA ASP A 23 6.10 -9.02 0.52
C ASP A 23 5.10 -9.05 -0.63
N THR A 24 4.54 -7.89 -0.96
CA THR A 24 3.57 -7.78 -2.04
C THR A 24 3.45 -6.34 -2.53
N PHE A 25 3.95 -6.08 -3.73
CA PHE A 25 3.90 -4.74 -4.30
C PHE A 25 2.54 -4.49 -4.97
N ILE A 26 1.89 -3.40 -4.58
CA ILE A 26 0.59 -3.06 -5.16
C ILE A 26 0.48 -1.55 -5.39
N LYS A 27 0.56 -1.15 -6.65
CA LYS A 27 0.47 0.26 -7.01
C LYS A 27 -0.67 0.94 -6.25
N CYS A 28 -0.48 2.23 -5.96
CA CYS A 28 -1.49 3.00 -5.24
C CYS A 28 -2.16 4.02 -6.15
N PRO A 29 -3.33 4.53 -5.73
CA PRO A 29 -4.09 5.52 -6.49
C PRO A 29 -3.40 6.88 -6.52
N LYS A 30 -4.06 7.86 -7.13
CA LYS A 30 -3.52 9.20 -7.22
C LYS A 30 -4.39 10.19 -6.46
N PHE A 31 -5.35 9.68 -5.71
CA PHE A 31 -6.25 10.52 -4.94
C PHE A 31 -5.47 11.52 -4.09
N ASP A 32 -6.18 12.48 -3.50
CA ASP A 32 -5.55 13.49 -2.67
C ASP A 32 -5.45 13.02 -1.22
N ASN A 33 -5.94 11.81 -0.96
CA ASN A 33 -5.90 11.24 0.38
C ASN A 33 -5.44 9.79 0.34
N LYS A 34 -5.01 9.34 -0.83
CA LYS A 34 -4.54 7.97 -1.00
C LYS A 34 -3.31 7.93 -1.91
N LYS A 35 -2.59 9.04 -1.98
CA LYS A 35 -1.40 9.13 -2.80
C LYS A 35 -0.14 9.04 -1.95
N CYS A 36 0.96 8.64 -2.58
CA CYS A 36 2.24 8.51 -1.87
C CYS A 36 2.82 9.88 -1.54
N THR A 37 2.56 10.35 -0.32
CA THR A 37 3.05 11.63 0.12
C THR A 37 4.57 11.64 0.26
N LYS A 38 5.15 10.44 0.38
CA LYS A 38 6.59 10.30 0.52
C LYS A 38 7.00 8.83 0.49
N ASP A 39 8.29 8.58 0.68
CA ASP A 39 8.80 7.21 0.67
C ASP A 39 8.77 6.62 2.08
N ASN A 40 8.63 5.30 2.16
CA ASN A 40 8.59 4.61 3.44
C ASN A 40 7.44 5.12 4.29
N ASN A 41 6.27 5.26 3.68
CA ASN A 41 5.08 5.74 4.38
C ASN A 41 4.25 4.57 4.91
N LYS A 42 3.08 4.89 5.45
CA LYS A 42 2.19 3.87 6.00
C LYS A 42 1.04 3.58 5.03
N CYS A 43 1.02 2.38 4.49
CA CYS A 43 -0.03 1.97 3.55
C CYS A 43 -0.63 0.62 3.95
N THR A 44 -1.92 0.45 3.68
CA THR A 44 -2.60 -0.78 4.00
C THR A 44 -3.29 -1.38 2.78
N VAL A 45 -3.46 -2.69 2.78
CA VAL A 45 -4.10 -3.39 1.66
C VAL A 45 -5.14 -4.37 2.16
N ASP A 46 -6.39 -4.20 1.71
CA ASP A 46 -7.48 -5.07 2.10
C ASP A 46 -7.61 -6.25 1.14
N THR A 47 -6.84 -7.30 1.39
CA THR A 47 -6.87 -8.48 0.54
C THR A 47 -8.28 -9.06 0.45
N TYR A 48 -9.11 -8.75 1.44
CA TYR A 48 -10.47 -9.23 1.48
C TYR A 48 -11.25 -8.78 0.25
N ASN A 49 -11.24 -7.48 -0.01
CA ASN A 49 -11.94 -6.91 -1.15
C ASN A 49 -10.95 -6.43 -2.21
N ASN A 50 -9.71 -6.88 -2.10
CA ASN A 50 -8.67 -6.51 -3.05
C ASN A 50 -8.60 -4.99 -3.21
N ALA A 51 -8.58 -4.28 -2.08
CA ALA A 51 -8.51 -2.82 -2.10
C ALA A 51 -7.17 -2.33 -1.58
N VAL A 52 -6.73 -1.17 -2.07
CA VAL A 52 -5.47 -0.59 -1.66
C VAL A 52 -5.69 0.69 -0.87
N ASP A 53 -4.75 1.00 0.02
CA ASP A 53 -4.84 2.21 0.84
C ASP A 53 -3.45 2.79 1.10
N CYS A 54 -3.28 4.07 0.75
CA CYS A 54 -2.01 4.75 0.95
C CYS A 54 -2.16 5.94 1.89
N ASP A 55 -1.09 6.26 2.61
CA ASP A 55 -1.11 7.38 3.55
C ASP A 55 -1.45 8.67 2.84
N ALA A 1 -7.47 -5.11 10.12
CA ALA A 1 -8.05 -4.66 8.86
C ALA A 1 -6.96 -4.22 7.89
N LYS A 2 -7.03 -4.72 6.66
CA LYS A 2 -6.05 -4.38 5.64
C LYS A 2 -4.66 -4.83 6.05
N TYR A 3 -3.74 -4.86 5.07
CA TYR A 3 -2.37 -5.28 5.34
C TYR A 3 -1.52 -4.09 5.79
N THR A 4 -0.26 -4.35 6.11
CA THR A 4 0.66 -3.32 6.55
C THR A 4 2.05 -3.50 5.94
N GLY A 5 2.63 -2.40 5.47
CA GLY A 5 3.96 -2.47 4.87
C GLY A 5 4.60 -1.11 4.74
N LYS A 6 5.12 -0.81 3.56
CA LYS A 6 5.78 0.48 3.31
C LYS A 6 5.36 1.04 1.96
N CYS A 7 5.14 2.35 1.91
CA CYS A 7 4.74 3.02 0.68
C CYS A 7 5.96 3.42 -0.14
N THR A 8 5.76 3.60 -1.45
CA THR A 8 6.84 3.98 -2.34
C THR A 8 6.45 5.19 -3.19
N LYS A 9 7.27 6.23 -3.14
CA LYS A 9 7.01 7.44 -3.90
C LYS A 9 7.48 7.29 -5.34
N SER A 10 8.31 6.28 -5.59
CA SER A 10 8.82 6.02 -6.92
C SER A 10 7.70 5.94 -7.94
N LYS A 11 6.80 4.98 -7.76
CA LYS A 11 5.67 4.80 -8.66
C LYS A 11 4.37 4.70 -7.89
N ASN A 12 4.35 5.30 -6.69
CA ASN A 12 3.16 5.27 -5.85
C ASN A 12 2.63 3.85 -5.67
N GLU A 13 3.30 3.09 -4.81
CA GLU A 13 2.91 1.71 -4.54
C GLU A 13 3.04 1.38 -3.06
N CYS A 14 2.82 0.12 -2.72
CA CYS A 14 2.91 -0.33 -1.34
C CYS A 14 3.45 -1.75 -1.26
N LYS A 15 4.51 -1.94 -0.48
CA LYS A 15 5.13 -3.24 -0.31
C LYS A 15 4.71 -3.88 1.02
N TYR A 16 3.54 -4.50 1.03
CA TYR A 16 3.03 -5.16 2.22
C TYR A 16 3.38 -6.64 2.23
N LYS A 17 3.08 -7.31 3.34
CA LYS A 17 3.36 -8.73 3.48
C LYS A 17 2.09 -9.55 3.30
N ASN A 18 2.09 -10.42 2.29
CA ASN A 18 0.93 -11.27 2.01
C ASN A 18 0.71 -12.28 3.13
N ASP A 19 -0.24 -13.18 2.93
CA ASP A 19 -0.55 -14.20 3.93
C ASP A 19 0.59 -15.20 4.04
N ALA A 20 1.47 -15.21 3.05
CA ALA A 20 2.61 -16.12 3.04
C ALA A 20 3.86 -15.44 3.59
N GLY A 21 3.66 -14.33 4.31
CA GLY A 21 4.79 -13.61 4.87
C GLY A 21 5.86 -13.29 3.84
N LYS A 22 5.43 -12.78 2.68
CA LYS A 22 6.35 -12.44 1.61
C LYS A 22 6.04 -11.05 1.06
N ASP A 23 7.05 -10.42 0.47
CA ASP A 23 6.89 -9.09 -0.11
C ASP A 23 5.69 -9.05 -1.07
N THR A 24 5.11 -7.87 -1.22
CA THR A 24 3.96 -7.70 -2.11
C THR A 24 3.80 -6.25 -2.53
N PHE A 25 4.26 -5.93 -3.74
CA PHE A 25 4.17 -4.57 -4.25
C PHE A 25 2.81 -4.33 -4.91
N ILE A 26 2.05 -3.39 -4.37
CA ILE A 26 0.74 -3.07 -4.90
C ILE A 26 0.61 -1.57 -5.18
N LYS A 27 0.47 -1.22 -6.45
CA LYS A 27 0.33 0.18 -6.85
C LYS A 27 -0.83 0.85 -6.12
N CYS A 28 -0.57 2.02 -5.56
CA CYS A 28 -1.59 2.76 -4.83
C CYS A 28 -2.49 3.53 -5.79
N PRO A 29 -3.66 3.97 -5.28
CA PRO A 29 -4.63 4.72 -6.08
C PRO A 29 -4.14 6.12 -6.42
N LYS A 30 -4.76 6.74 -7.41
CA LYS A 30 -4.39 8.09 -7.83
C LYS A 30 -5.17 9.14 -7.05
N PHE A 31 -5.81 8.71 -5.97
CA PHE A 31 -6.60 9.61 -5.13
C PHE A 31 -5.74 10.74 -4.59
N ASP A 32 -6.32 11.57 -3.75
CA ASP A 32 -5.61 12.70 -3.16
C ASP A 32 -5.70 12.68 -1.64
N ASN A 33 -6.14 11.55 -1.10
CA ASN A 33 -6.27 11.40 0.35
C ASN A 33 -5.73 10.05 0.80
N LYS A 34 -5.71 9.08 -0.11
CA LYS A 34 -5.20 7.75 0.20
C LYS A 34 -4.07 7.37 -0.73
N LYS A 35 -3.47 8.37 -1.37
CA LYS A 35 -2.36 8.14 -2.29
C LYS A 35 -1.02 8.21 -1.57
N CYS A 36 0.06 8.02 -2.31
CA CYS A 36 1.40 8.06 -1.74
C CYS A 36 2.06 9.41 -1.99
N THR A 37 2.65 9.98 -0.95
CA THR A 37 3.32 11.27 -1.06
C THR A 37 4.81 11.15 -0.77
N LYS A 38 5.16 10.17 0.05
CA LYS A 38 6.55 9.94 0.42
C LYS A 38 6.88 8.45 0.46
N ASP A 39 8.16 8.13 0.56
CA ASP A 39 8.60 6.73 0.61
C ASP A 39 8.73 6.25 2.05
N ASN A 40 8.68 4.94 2.24
CA ASN A 40 8.78 4.34 3.56
C ASN A 40 7.70 4.87 4.48
N ASN A 41 6.49 5.01 3.94
CA ASN A 41 5.36 5.51 4.71
C ASN A 41 4.46 4.36 5.17
N LYS A 42 3.35 4.69 5.81
CA LYS A 42 2.41 3.69 6.29
C LYS A 42 1.30 3.45 5.27
N CYS A 43 1.35 2.30 4.60
CA CYS A 43 0.34 1.97 3.61
C CYS A 43 -0.49 0.76 4.06
N THR A 44 -1.78 0.80 3.76
CA THR A 44 -2.68 -0.29 4.13
C THR A 44 -3.53 -0.73 2.95
N VAL A 45 -3.40 -2.01 2.58
CA VAL A 45 -4.15 -2.57 1.47
C VAL A 45 -5.30 -3.44 1.96
N ASP A 46 -6.51 -3.14 1.51
CA ASP A 46 -7.69 -3.90 1.90
C ASP A 46 -7.97 -5.01 0.90
N THR A 47 -7.31 -6.15 1.08
CA THR A 47 -7.49 -7.30 0.19
C THR A 47 -8.92 -7.82 0.25
N TYR A 48 -9.64 -7.42 1.30
CA TYR A 48 -11.03 -7.85 1.48
C TYR A 48 -11.94 -7.22 0.44
N ASN A 49 -11.81 -5.89 0.28
CA ASN A 49 -12.62 -5.16 -0.68
C ASN A 49 -11.79 -4.72 -1.88
N ASN A 50 -10.59 -5.30 -2.00
CA ASN A 50 -9.69 -4.96 -3.11
C ASN A 50 -9.51 -3.46 -3.21
N ALA A 51 -9.26 -2.81 -2.08
CA ALA A 51 -9.05 -1.37 -2.05
C ALA A 51 -7.72 -1.01 -1.39
N VAL A 52 -6.81 -0.47 -2.18
CA VAL A 52 -5.49 -0.08 -1.69
C VAL A 52 -5.54 1.30 -1.02
N ASP A 53 -4.78 1.45 0.05
CA ASP A 53 -4.72 2.72 0.77
C ASP A 53 -3.30 3.02 1.23
N CYS A 54 -2.99 4.31 1.35
CA CYS A 54 -1.66 4.73 1.79
C CYS A 54 -1.61 6.24 1.98
N ASP A 55 -0.54 6.72 2.59
CA ASP A 55 -0.37 8.16 2.82
C ASP A 55 0.77 8.72 1.96
N ALA A 1 -7.66 -6.27 10.21
CA ALA A 1 -8.18 -6.20 8.84
C ALA A 1 -7.15 -5.62 7.89
N LYS A 2 -7.17 -6.10 6.64
CA LYS A 2 -6.23 -5.63 5.63
C LYS A 2 -4.79 -5.84 6.09
N TYR A 3 -3.85 -5.56 5.19
CA TYR A 3 -2.44 -5.72 5.50
C TYR A 3 -1.81 -4.37 5.87
N THR A 4 -0.52 -4.41 6.22
CA THR A 4 0.19 -3.20 6.60
C THR A 4 1.69 -3.34 6.34
N GLY A 5 2.26 -2.36 5.65
CA GLY A 5 3.67 -2.39 5.35
C GLY A 5 4.25 -1.02 5.09
N LYS A 6 4.64 -0.77 3.84
CA LYS A 6 5.20 0.52 3.46
C LYS A 6 5.13 0.72 1.95
N CYS A 7 4.86 1.96 1.53
CA CYS A 7 4.76 2.29 0.13
C CYS A 7 5.96 3.11 -0.34
N THR A 8 5.95 3.50 -1.61
CA THR A 8 7.04 4.30 -2.17
C THR A 8 6.51 5.50 -2.92
N LYS A 9 7.37 6.49 -3.14
CA LYS A 9 6.98 7.70 -3.85
C LYS A 9 7.38 7.63 -5.32
N SER A 10 8.24 6.65 -5.64
CA SER A 10 8.70 6.47 -7.01
C SER A 10 7.52 6.33 -7.97
N LYS A 11 6.75 5.25 -7.80
CA LYS A 11 5.59 4.99 -8.64
C LYS A 11 4.34 4.77 -7.80
N ASN A 12 4.36 5.29 -6.58
CA ASN A 12 3.22 5.15 -5.67
C ASN A 12 2.82 3.69 -5.53
N GLU A 13 3.75 2.85 -5.10
CA GLU A 13 3.50 1.43 -4.93
C GLU A 13 3.50 1.06 -3.44
N CYS A 14 2.61 0.15 -3.08
CA CYS A 14 2.51 -0.31 -1.69
C CYS A 14 3.11 -1.69 -1.51
N LYS A 15 4.22 -1.77 -0.80
CA LYS A 15 4.89 -3.04 -0.55
C LYS A 15 4.60 -3.55 0.86
N TYR A 16 3.55 -4.35 0.98
CA TYR A 16 3.17 -4.91 2.28
C TYR A 16 3.53 -6.39 2.36
N LYS A 17 3.09 -7.04 3.44
CA LYS A 17 3.38 -8.45 3.64
C LYS A 17 2.08 -9.26 3.68
N ASN A 18 1.97 -10.23 2.78
CA ASN A 18 0.78 -11.08 2.71
C ASN A 18 0.72 -12.02 3.91
N ASP A 19 -0.27 -12.90 3.91
CA ASP A 19 -0.44 -13.86 5.00
C ASP A 19 0.67 -14.91 4.99
N ALA A 20 1.43 -14.94 3.89
CA ALA A 20 2.53 -15.89 3.76
C ALA A 20 3.82 -15.33 4.36
N GLY A 21 3.89 -14.02 4.47
CA GLY A 21 5.06 -13.38 5.03
C GLY A 21 6.06 -12.96 3.96
N LYS A 22 5.54 -12.58 2.80
CA LYS A 22 6.39 -12.16 1.69
C LYS A 22 5.97 -10.79 1.17
N ASP A 23 6.92 -10.06 0.59
CA ASP A 23 6.64 -8.74 0.05
C ASP A 23 5.44 -8.77 -0.89
N THR A 24 4.83 -7.61 -1.10
CA THR A 24 3.67 -7.50 -1.98
C THR A 24 3.49 -6.08 -2.49
N PHE A 25 4.05 -5.81 -3.67
CA PHE A 25 3.95 -4.49 -4.28
C PHE A 25 2.64 -4.33 -5.04
N ILE A 26 1.97 -3.21 -4.83
CA ILE A 26 0.70 -2.93 -5.49
C ILE A 26 0.53 -1.44 -5.76
N LYS A 27 0.27 -1.09 -7.01
CA LYS A 27 0.08 0.30 -7.39
C LYS A 27 -1.03 0.95 -6.58
N CYS A 28 -0.80 2.17 -6.12
CA CYS A 28 -1.78 2.90 -5.32
C CYS A 28 -2.51 3.94 -6.18
N PRO A 29 -3.67 4.39 -5.69
CA PRO A 29 -4.48 5.39 -6.39
C PRO A 29 -3.84 6.77 -6.39
N LYS A 30 -4.18 7.58 -7.39
CA LYS A 30 -3.63 8.92 -7.51
C LYS A 30 -4.57 9.95 -6.86
N PHE A 31 -5.40 9.48 -5.93
CA PHE A 31 -6.34 10.36 -5.25
C PHE A 31 -5.61 11.34 -4.34
N ASP A 32 -6.33 12.35 -3.86
CA ASP A 32 -5.76 13.36 -2.98
C ASP A 32 -5.89 12.95 -1.52
N ASN A 33 -6.33 11.72 -1.30
CA ASN A 33 -6.50 11.21 0.07
C ASN A 33 -6.17 9.72 0.12
N LYS A 34 -5.50 9.23 -0.91
CA LYS A 34 -5.12 7.82 -0.97
C LYS A 34 -3.80 7.64 -1.70
N LYS A 35 -3.05 8.73 -1.83
CA LYS A 35 -1.76 8.69 -2.52
C LYS A 35 -0.62 8.77 -1.52
N CYS A 36 0.57 8.34 -1.95
CA CYS A 36 1.75 8.35 -1.09
C CYS A 36 2.47 9.70 -1.19
N THR A 37 2.50 10.43 -0.09
CA THR A 37 3.16 11.72 -0.04
C THR A 37 4.67 11.58 -0.06
N LYS A 38 5.15 10.47 0.48
CA LYS A 38 6.59 10.20 0.53
C LYS A 38 6.86 8.70 0.50
N ASP A 39 8.14 8.34 0.57
CA ASP A 39 8.54 6.94 0.57
C ASP A 39 8.64 6.39 1.98
N ASN A 40 8.56 5.07 2.10
CA ASN A 40 8.65 4.41 3.40
C ASN A 40 7.54 4.90 4.33
N ASN A 41 6.37 5.18 3.76
CA ASN A 41 5.24 5.66 4.53
C ASN A 41 4.41 4.50 5.07
N LYS A 42 3.26 4.81 5.66
CA LYS A 42 2.38 3.80 6.22
C LYS A 42 1.25 3.48 5.25
N CYS A 43 1.26 2.25 4.72
CA CYS A 43 0.22 1.82 3.78
C CYS A 43 -0.56 0.64 4.34
N THR A 44 -1.81 0.50 3.91
CA THR A 44 -2.66 -0.59 4.36
C THR A 44 -3.58 -1.07 3.25
N VAL A 45 -3.14 -2.11 2.53
CA VAL A 45 -3.93 -2.67 1.44
C VAL A 45 -4.96 -3.66 1.95
N ASP A 46 -6.18 -3.56 1.45
CA ASP A 46 -7.27 -4.45 1.86
C ASP A 46 -7.65 -5.40 0.72
N THR A 47 -6.91 -6.49 0.59
CA THR A 47 -7.17 -7.47 -0.46
C THR A 47 -8.58 -8.05 -0.33
N TYR A 48 -9.12 -8.01 0.88
CA TYR A 48 -10.46 -8.53 1.14
C TYR A 48 -11.48 -7.91 0.20
N ASN A 49 -11.61 -6.59 0.26
CA ASN A 49 -12.55 -5.86 -0.59
C ASN A 49 -11.81 -5.06 -1.64
N ASN A 50 -10.55 -5.39 -1.87
CA ASN A 50 -9.73 -4.69 -2.86
C ASN A 50 -9.79 -3.18 -2.63
N ALA A 51 -9.53 -2.76 -1.40
CA ALA A 51 -9.55 -1.33 -1.07
C ALA A 51 -8.20 -0.88 -0.53
N VAL A 52 -7.28 -0.57 -1.45
CA VAL A 52 -5.95 -0.12 -1.06
C VAL A 52 -6.00 1.20 -0.31
N ASP A 53 -5.04 1.40 0.59
CA ASP A 53 -4.99 2.62 1.38
C ASP A 53 -3.54 3.09 1.56
N CYS A 54 -3.14 4.08 0.77
CA CYS A 54 -1.79 4.61 0.84
C CYS A 54 -1.75 5.90 1.67
N ASP A 55 -0.77 5.99 2.55
CA ASP A 55 -0.61 7.17 3.40
C ASP A 55 -0.63 8.45 2.57
N ALA A 1 -8.94 -7.84 7.15
CA ALA A 1 -8.01 -6.86 7.69
C ALA A 1 -7.10 -6.33 6.60
N LYS A 2 -6.85 -5.01 6.62
CA LYS A 2 -5.99 -4.38 5.63
C LYS A 2 -4.52 -4.62 5.96
N TYR A 3 -3.76 -5.06 4.96
CA TYR A 3 -2.35 -5.33 5.13
C TYR A 3 -1.53 -4.03 5.15
N THR A 4 -0.55 -3.98 6.02
CA THR A 4 0.29 -2.78 6.14
C THR A 4 1.68 -3.04 5.55
N GLY A 5 2.36 -1.97 5.17
CA GLY A 5 3.68 -2.10 4.58
C GLY A 5 4.39 -0.76 4.42
N LYS A 6 4.97 -0.53 3.26
CA LYS A 6 5.67 0.71 2.97
C LYS A 6 5.18 1.34 1.67
N CYS A 7 4.90 2.63 1.71
CA CYS A 7 4.41 3.35 0.54
C CYS A 7 5.58 3.98 -0.23
N THR A 8 5.78 3.52 -1.47
CA THR A 8 6.86 4.04 -2.30
C THR A 8 6.44 5.34 -2.99
N LYS A 9 7.19 6.40 -2.73
CA LYS A 9 6.91 7.70 -3.32
C LYS A 9 7.45 7.79 -4.74
N SER A 10 8.15 6.74 -5.17
CA SER A 10 8.72 6.69 -6.51
C SER A 10 7.63 6.42 -7.55
N LYS A 11 6.90 5.34 -7.36
CA LYS A 11 5.83 4.97 -8.29
C LYS A 11 4.50 4.87 -7.56
N ASN A 12 4.42 5.47 -6.39
CA ASN A 12 3.19 5.46 -5.60
C ASN A 12 2.68 4.03 -5.42
N GLU A 13 3.52 3.17 -4.88
CA GLU A 13 3.15 1.78 -4.66
C GLU A 13 3.14 1.44 -3.16
N CYS A 14 2.69 0.24 -2.84
CA CYS A 14 2.62 -0.20 -1.45
C CYS A 14 3.18 -1.61 -1.29
N LYS A 15 4.24 -1.74 -0.51
CA LYS A 15 4.88 -3.04 -0.29
C LYS A 15 4.45 -3.61 1.06
N TYR A 16 3.37 -4.39 1.06
CA TYR A 16 2.86 -5.00 2.27
C TYR A 16 3.30 -6.45 2.37
N LYS A 17 3.01 -7.08 3.51
CA LYS A 17 3.37 -8.47 3.74
C LYS A 17 2.13 -9.35 3.80
N ASN A 18 1.99 -10.25 2.83
CA ASN A 18 0.84 -11.15 2.80
C ASN A 18 0.79 -12.02 4.04
N ASP A 19 -0.15 -12.95 4.06
CA ASP A 19 -0.31 -13.86 5.21
C ASP A 19 0.94 -14.72 5.40
N ALA A 20 1.76 -14.78 4.36
CA ALA A 20 2.99 -15.57 4.41
C ALA A 20 4.16 -14.74 4.91
N GLY A 21 3.97 -13.41 4.95
CA GLY A 21 5.02 -12.53 5.41
C GLY A 21 6.08 -12.28 4.36
N LYS A 22 5.64 -12.18 3.10
CA LYS A 22 6.56 -11.94 1.99
C LYS A 22 6.27 -10.61 1.32
N ASP A 23 7.26 -10.05 0.66
CA ASP A 23 7.11 -8.77 -0.04
C ASP A 23 5.93 -8.81 -0.99
N THR A 24 5.20 -7.70 -1.07
CA THR A 24 4.04 -7.61 -1.95
C THR A 24 3.79 -6.18 -2.39
N PHE A 25 4.29 -5.83 -3.57
CA PHE A 25 4.13 -4.48 -4.11
C PHE A 25 2.79 -4.34 -4.83
N ILE A 26 1.98 -3.38 -4.40
CA ILE A 26 0.68 -3.15 -5.00
C ILE A 26 0.46 -1.67 -5.28
N LYS A 27 0.37 -1.32 -6.56
CA LYS A 27 0.15 0.06 -6.97
C LYS A 27 -1.01 0.68 -6.20
N CYS A 28 -0.82 1.92 -5.75
CA CYS A 28 -1.86 2.63 -5.00
C CYS A 28 -2.77 3.40 -5.95
N PRO A 29 -3.96 3.78 -5.45
CA PRO A 29 -4.94 4.53 -6.23
C PRO A 29 -4.49 5.96 -6.51
N LYS A 30 -5.23 6.66 -7.37
CA LYS A 30 -4.92 8.03 -7.72
C LYS A 30 -5.70 9.01 -6.86
N PHE A 31 -6.16 8.54 -5.70
CA PHE A 31 -6.93 9.37 -4.78
C PHE A 31 -6.01 10.34 -4.03
N ASP A 32 -6.62 11.30 -3.35
CA ASP A 32 -5.87 12.28 -2.57
C ASP A 32 -5.76 11.88 -1.11
N ASN A 33 -6.41 10.76 -0.77
CA ASN A 33 -6.39 10.25 0.60
C ASN A 33 -5.84 8.83 0.65
N LYS A 34 -5.58 8.27 -0.52
CA LYS A 34 -5.05 6.91 -0.61
C LYS A 34 -3.84 6.86 -1.52
N LYS A 35 -3.06 7.93 -1.52
CA LYS A 35 -1.86 8.02 -2.34
C LYS A 35 -0.61 8.10 -1.48
N CYS A 36 0.54 7.79 -2.08
CA CYS A 36 1.81 7.83 -1.36
C CYS A 36 2.30 9.27 -1.19
N THR A 37 2.53 9.66 0.06
CA THR A 37 3.00 11.01 0.36
C THR A 37 4.51 11.05 0.47
N LYS A 38 5.11 9.90 0.73
CA LYS A 38 6.57 9.80 0.87
C LYS A 38 7.01 8.35 1.04
N ASP A 39 8.29 8.10 0.87
CA ASP A 39 8.85 6.76 1.01
C ASP A 39 8.89 6.34 2.47
N ASN A 40 8.87 5.03 2.71
CA ASN A 40 8.91 4.50 4.07
C ASN A 40 7.74 5.01 4.89
N ASN A 41 6.54 4.96 4.30
CA ASN A 41 5.33 5.43 4.97
C ASN A 41 4.43 4.25 5.34
N LYS A 42 3.25 4.55 5.86
CA LYS A 42 2.30 3.53 6.24
C LYS A 42 1.18 3.41 5.21
N CYS A 43 1.22 2.34 4.42
CA CYS A 43 0.21 2.10 3.40
C CYS A 43 -0.62 0.87 3.73
N THR A 44 -1.90 0.92 3.37
CA THR A 44 -2.82 -0.18 3.64
C THR A 44 -3.26 -0.85 2.34
N VAL A 45 -3.81 -2.05 2.46
CA VAL A 45 -4.28 -2.79 1.29
C VAL A 45 -5.52 -3.61 1.63
N ASP A 46 -6.61 -3.34 0.92
CA ASP A 46 -7.87 -4.05 1.14
C ASP A 46 -7.92 -5.33 0.30
N THR A 47 -7.39 -6.41 0.84
CA THR A 47 -7.36 -7.69 0.15
C THR A 47 -8.76 -8.29 0.06
N TYR A 48 -9.71 -7.66 0.74
CA TYR A 48 -11.09 -8.13 0.74
C TYR A 48 -11.91 -7.44 -0.35
N ASN A 49 -11.70 -6.14 -0.51
CA ASN A 49 -12.40 -5.36 -1.51
C ASN A 49 -11.51 -5.08 -2.71
N ASN A 50 -10.39 -5.80 -2.79
CA ASN A 50 -9.44 -5.61 -3.89
C ASN A 50 -9.07 -4.15 -4.06
N ALA A 51 -9.00 -3.43 -2.93
CA ALA A 51 -8.64 -2.01 -2.96
C ALA A 51 -7.25 -1.80 -2.37
N VAL A 52 -6.72 -0.60 -2.58
CA VAL A 52 -5.40 -0.26 -2.07
C VAL A 52 -5.39 1.13 -1.44
N ASP A 53 -4.70 1.26 -0.31
CA ASP A 53 -4.61 2.54 0.39
C ASP A 53 -3.15 2.94 0.61
N CYS A 54 -2.94 4.22 0.87
CA CYS A 54 -1.58 4.74 1.09
C CYS A 54 -1.60 5.84 2.15
N ASP A 55 -0.49 5.96 2.88
CA ASP A 55 -0.38 6.98 3.91
C ASP A 55 -0.72 8.36 3.36
N ALA A 1 -9.62 -7.41 7.18
CA ALA A 1 -8.47 -6.79 7.82
C ALA A 1 -7.49 -6.23 6.78
N LYS A 2 -7.09 -4.97 6.95
CA LYS A 2 -6.16 -4.34 6.03
C LYS A 2 -4.73 -4.79 6.31
N TYR A 3 -3.89 -4.71 5.28
CA TYR A 3 -2.49 -5.12 5.41
C TYR A 3 -1.62 -3.95 5.88
N THR A 4 -0.35 -4.23 6.12
CA THR A 4 0.59 -3.21 6.57
C THR A 4 1.96 -3.39 5.93
N GLY A 5 2.47 -2.33 5.33
CA GLY A 5 3.77 -2.39 4.69
C GLY A 5 4.45 -1.04 4.63
N LYS A 6 4.87 -0.64 3.44
CA LYS A 6 5.54 0.64 3.24
C LYS A 6 5.26 1.19 1.85
N CYS A 7 4.88 2.47 1.79
CA CYS A 7 4.58 3.12 0.52
C CYS A 7 5.87 3.53 -0.20
N THR A 8 5.77 3.72 -1.51
CA THR A 8 6.93 4.12 -2.31
C THR A 8 6.64 5.37 -3.13
N LYS A 9 7.46 6.39 -2.95
CA LYS A 9 7.29 7.65 -3.69
C LYS A 9 7.89 7.55 -5.08
N SER A 10 8.51 6.41 -5.38
CA SER A 10 9.13 6.20 -6.68
C SER A 10 8.08 5.99 -7.77
N LYS A 11 7.19 5.02 -7.54
CA LYS A 11 6.14 4.72 -8.50
C LYS A 11 4.77 4.72 -7.82
N ASN A 12 4.70 5.35 -6.66
CA ASN A 12 3.45 5.42 -5.90
C ASN A 12 2.84 4.03 -5.72
N GLU A 13 3.53 3.20 -4.93
CA GLU A 13 3.06 1.84 -4.67
C GLU A 13 3.14 1.51 -3.19
N CYS A 14 2.81 0.27 -2.84
CA CYS A 14 2.84 -0.18 -1.45
C CYS A 14 3.37 -1.61 -1.35
N LYS A 15 4.39 -1.79 -0.51
CA LYS A 15 4.98 -3.11 -0.32
C LYS A 15 4.52 -3.73 0.99
N TYR A 16 3.38 -4.42 0.94
CA TYR A 16 2.84 -5.06 2.13
C TYR A 16 3.21 -6.54 2.17
N LYS A 17 2.90 -7.20 3.28
CA LYS A 17 3.20 -8.62 3.45
C LYS A 17 1.94 -9.46 3.27
N ASN A 18 2.03 -10.47 2.42
CA ASN A 18 0.89 -11.35 2.16
C ASN A 18 0.80 -12.44 3.23
N ASP A 19 -0.11 -13.39 3.02
CA ASP A 19 -0.30 -14.48 3.96
C ASP A 19 0.99 -15.27 4.16
N ALA A 20 1.87 -15.21 3.16
CA ALA A 20 3.15 -15.91 3.22
C ALA A 20 4.24 -15.02 3.81
N GLY A 21 3.83 -13.88 4.36
CA GLY A 21 4.78 -12.96 4.95
C GLY A 21 5.93 -12.63 4.01
N LYS A 22 5.61 -12.38 2.75
CA LYS A 22 6.62 -12.05 1.75
C LYS A 22 6.34 -10.68 1.13
N ASP A 23 7.33 -10.17 0.40
CA ASP A 23 7.19 -8.86 -0.25
C ASP A 23 6.03 -8.87 -1.23
N THR A 24 5.28 -7.76 -1.25
CA THR A 24 4.13 -7.64 -2.14
C THR A 24 3.90 -6.18 -2.53
N PHE A 25 4.40 -5.81 -3.70
CA PHE A 25 4.25 -4.44 -4.20
C PHE A 25 2.92 -4.27 -4.92
N ILE A 26 2.16 -3.26 -4.53
CA ILE A 26 0.86 -2.99 -5.14
C ILE A 26 0.68 -1.49 -5.39
N LYS A 27 0.76 -1.09 -6.65
CA LYS A 27 0.58 0.31 -7.01
C LYS A 27 -0.68 0.89 -6.39
N CYS A 28 -0.56 2.08 -5.82
CA CYS A 28 -1.71 2.74 -5.19
C CYS A 28 -2.54 3.50 -6.23
N PRO A 29 -3.79 3.82 -5.85
CA PRO A 29 -4.70 4.54 -6.74
C PRO A 29 -4.28 5.99 -6.96
N LYS A 30 -4.99 6.68 -7.85
CA LYS A 30 -4.68 8.07 -8.16
C LYS A 30 -5.56 9.00 -7.33
N PHE A 31 -6.06 8.50 -6.20
CA PHE A 31 -6.91 9.29 -5.32
C PHE A 31 -6.09 10.35 -4.58
N ASP A 32 -6.79 11.27 -3.93
CA ASP A 32 -6.13 12.34 -3.17
C ASP A 32 -5.96 11.94 -1.71
N ASN A 33 -6.51 10.78 -1.35
CA ASN A 33 -6.41 10.28 0.02
C ASN A 33 -5.62 8.99 0.07
N LYS A 34 -5.59 8.27 -1.04
CA LYS A 34 -4.86 7.01 -1.12
C LYS A 34 -3.66 7.12 -2.05
N LYS A 35 -2.90 8.19 -1.90
CA LYS A 35 -1.72 8.43 -2.73
C LYS A 35 -0.45 8.43 -1.88
N CYS A 36 0.70 8.31 -2.55
CA CYS A 36 1.99 8.30 -1.85
C CYS A 36 2.60 9.70 -1.85
N THR A 37 2.64 10.31 -0.67
CA THR A 37 3.20 11.65 -0.52
C THR A 37 4.69 11.59 -0.22
N LYS A 38 5.14 10.46 0.33
CA LYS A 38 6.54 10.28 0.67
C LYS A 38 6.90 8.79 0.73
N ASP A 39 8.19 8.49 0.71
CA ASP A 39 8.66 7.11 0.77
C ASP A 39 8.71 6.61 2.21
N ASN A 40 8.66 5.30 2.38
CA ASN A 40 8.70 4.70 3.71
C ASN A 40 7.54 5.20 4.57
N ASN A 41 6.35 5.22 3.98
CA ASN A 41 5.17 5.68 4.69
C ASN A 41 4.32 4.49 5.15
N LYS A 42 3.16 4.79 5.74
CA LYS A 42 2.26 3.75 6.21
C LYS A 42 1.11 3.53 5.24
N CYS A 43 1.15 2.41 4.54
CA CYS A 43 0.10 2.08 3.56
C CYS A 43 -0.67 0.84 4.01
N THR A 44 -1.99 0.90 3.85
CA THR A 44 -2.85 -0.22 4.24
C THR A 44 -3.66 -0.72 3.05
N VAL A 45 -3.61 -2.03 2.82
CA VAL A 45 -4.35 -2.63 1.71
C VAL A 45 -5.54 -3.44 2.22
N ASP A 46 -6.73 -3.08 1.76
CA ASP A 46 -7.95 -3.77 2.17
C ASP A 46 -8.30 -4.88 1.17
N THR A 47 -7.69 -6.04 1.36
CA THR A 47 -7.94 -7.18 0.48
C THR A 47 -9.40 -7.61 0.53
N TYR A 48 -10.10 -7.18 1.57
CA TYR A 48 -11.51 -7.51 1.72
C TYR A 48 -12.35 -6.90 0.61
N ASN A 49 -12.01 -5.67 0.23
CA ASN A 49 -12.73 -4.97 -0.83
C ASN A 49 -11.79 -4.62 -1.98
N ASN A 50 -10.60 -5.22 -1.97
CA ASN A 50 -9.61 -4.97 -3.02
C ASN A 50 -9.39 -3.47 -3.20
N ALA A 51 -9.09 -2.77 -2.11
CA ALA A 51 -8.85 -1.34 -2.16
C ALA A 51 -7.55 -0.97 -1.45
N VAL A 52 -6.59 -0.47 -2.22
CA VAL A 52 -5.30 -0.08 -1.66
C VAL A 52 -5.36 1.32 -1.05
N ASP A 53 -4.64 1.51 0.05
CA ASP A 53 -4.61 2.80 0.72
C ASP A 53 -3.18 3.22 1.02
N CYS A 54 -2.81 4.41 0.54
CA CYS A 54 -1.46 4.93 0.75
C CYS A 54 -1.48 6.14 1.68
N ASP A 55 -0.55 6.17 2.63
CA ASP A 55 -0.46 7.26 3.58
C ASP A 55 -0.45 8.61 2.86
N ALA A 1 -8.60 -7.33 8.33
CA ALA A 1 -7.31 -6.83 8.82
C ALA A 1 -6.45 -6.31 7.69
N LYS A 2 -6.16 -5.01 7.71
CA LYS A 2 -5.33 -4.39 6.69
C LYS A 2 -3.86 -4.74 6.88
N TYR A 3 -3.22 -5.16 5.79
CA TYR A 3 -1.81 -5.52 5.83
C TYR A 3 -0.91 -4.29 5.85
N THR A 4 0.07 -4.29 6.74
CA THR A 4 0.99 -3.16 6.86
C THR A 4 2.22 -3.36 5.98
N GLY A 5 2.71 -2.27 5.39
CA GLY A 5 3.87 -2.35 4.54
C GLY A 5 4.55 -1.01 4.35
N LYS A 6 5.11 -0.78 3.17
CA LYS A 6 5.79 0.48 2.87
C LYS A 6 5.27 1.09 1.57
N CYS A 7 5.17 2.41 1.55
CA CYS A 7 4.69 3.11 0.36
C CYS A 7 5.81 3.95 -0.27
N THR A 8 5.88 3.92 -1.60
CA THR A 8 6.91 4.67 -2.32
C THR A 8 6.29 5.83 -3.08
N LYS A 9 6.95 6.99 -3.01
CA LYS A 9 6.47 8.19 -3.69
C LYS A 9 7.00 8.25 -5.12
N SER A 10 8.10 7.53 -5.38
CA SER A 10 8.70 7.51 -6.70
C SER A 10 8.19 6.31 -7.50
N LYS A 11 6.92 5.99 -7.31
CA LYS A 11 6.31 4.87 -8.03
C LYS A 11 4.88 4.63 -7.53
N ASN A 12 4.62 5.02 -6.28
CA ASN A 12 3.30 4.84 -5.70
C ASN A 12 3.00 3.37 -5.48
N GLU A 13 4.00 2.61 -5.02
CA GLU A 13 3.83 1.19 -4.78
C GLU A 13 3.71 0.91 -3.28
N CYS A 14 2.89 -0.08 -2.93
CA CYS A 14 2.70 -0.45 -1.54
C CYS A 14 3.14 -1.89 -1.29
N LYS A 15 4.38 -2.04 -0.84
CA LYS A 15 4.93 -3.36 -0.55
C LYS A 15 4.41 -3.89 0.78
N TYR A 16 3.20 -4.43 0.76
CA TYR A 16 2.59 -4.98 1.97
C TYR A 16 2.85 -6.48 2.08
N LYS A 17 2.16 -7.13 3.01
CA LYS A 17 2.31 -8.56 3.22
C LYS A 17 0.99 -9.28 3.02
N ASN A 18 0.90 -10.02 1.91
CA ASN A 18 -0.31 -10.77 1.59
C ASN A 18 -0.64 -11.78 2.68
N ASP A 19 -1.63 -12.62 2.42
CA ASP A 19 -2.04 -13.64 3.38
C ASP A 19 -0.86 -14.57 3.72
N ALA A 20 0.11 -14.63 2.82
CA ALA A 20 1.28 -15.48 3.02
C ALA A 20 2.42 -14.68 3.66
N GLY A 21 2.10 -13.47 4.13
CA GLY A 21 3.11 -12.65 4.76
C GLY A 21 4.35 -12.49 3.90
N LYS A 22 4.15 -12.20 2.61
CA LYS A 22 5.26 -12.03 1.70
C LYS A 22 5.16 -10.69 0.97
N ASP A 23 6.30 -10.22 0.46
CA ASP A 23 6.34 -8.95 -0.26
C ASP A 23 5.28 -8.91 -1.35
N THR A 24 4.57 -7.80 -1.45
CA THR A 24 3.53 -7.64 -2.46
C THR A 24 3.41 -6.19 -2.91
N PHE A 25 3.87 -5.92 -4.13
CA PHE A 25 3.82 -4.57 -4.69
C PHE A 25 2.49 -4.31 -5.37
N ILE A 26 1.75 -3.32 -4.86
CA ILE A 26 0.45 -2.98 -5.44
C ILE A 26 0.36 -1.48 -5.71
N LYS A 27 0.35 -1.12 -6.99
CA LYS A 27 0.24 0.27 -7.39
C LYS A 27 -0.98 0.94 -6.77
N CYS A 28 -0.75 2.02 -6.03
CA CYS A 28 -1.84 2.75 -5.39
C CYS A 28 -2.62 3.57 -6.41
N PRO A 29 -3.83 3.99 -6.01
CA PRO A 29 -4.71 4.78 -6.88
C PRO A 29 -4.19 6.19 -7.10
N LYS A 30 -4.50 6.76 -8.26
CA LYS A 30 -4.05 8.11 -8.59
C LYS A 30 -4.68 9.13 -7.65
N PHE A 31 -5.70 8.71 -6.91
CA PHE A 31 -6.38 9.59 -5.97
C PHE A 31 -5.38 10.28 -5.05
N ASP A 32 -5.85 11.29 -4.31
CA ASP A 32 -5.00 12.03 -3.40
C ASP A 32 -5.32 11.68 -1.95
N ASN A 33 -6.15 10.65 -1.76
CA ASN A 33 -6.54 10.21 -0.42
C ASN A 33 -6.16 8.75 -0.20
N LYS A 34 -5.40 8.19 -1.14
CA LYS A 34 -4.96 6.80 -1.03
C LYS A 34 -3.69 6.58 -1.83
N LYS A 35 -2.95 7.65 -2.08
CA LYS A 35 -1.71 7.56 -2.83
C LYS A 35 -0.50 7.71 -1.90
N CYS A 36 0.68 7.40 -2.43
CA CYS A 36 1.91 7.49 -1.65
C CYS A 36 2.47 8.91 -1.69
N THR A 37 2.06 9.73 -0.73
CA THR A 37 2.53 11.11 -0.65
C THR A 37 4.04 11.18 -0.55
N LYS A 38 4.62 10.31 0.28
CA LYS A 38 6.06 10.27 0.47
C LYS A 38 6.56 8.82 0.54
N ASP A 39 7.88 8.66 0.52
CA ASP A 39 8.47 7.33 0.57
C ASP A 39 8.59 6.86 2.02
N ASN A 40 8.74 5.55 2.20
CA ASN A 40 8.87 4.96 3.53
C ASN A 40 7.65 5.30 4.38
N ASN A 41 6.47 5.16 3.80
CA ASN A 41 5.22 5.45 4.51
C ASN A 41 4.57 4.16 5.00
N LYS A 42 3.38 4.30 5.57
CA LYS A 42 2.65 3.14 6.09
C LYS A 42 1.32 2.97 5.34
N CYS A 43 1.29 1.98 4.45
CA CYS A 43 0.08 1.70 3.67
C CYS A 43 -0.66 0.49 4.22
N THR A 44 -1.97 0.59 4.34
CA THR A 44 -2.79 -0.50 4.85
C THR A 44 -3.74 -1.02 3.78
N VAL A 45 -3.37 -2.14 3.16
CA VAL A 45 -4.19 -2.74 2.12
C VAL A 45 -5.23 -3.69 2.71
N ASP A 46 -6.49 -3.48 2.36
CA ASP A 46 -7.58 -4.32 2.87
C ASP A 46 -8.02 -5.32 1.81
N THR A 47 -7.30 -6.43 1.70
CA THR A 47 -7.61 -7.47 0.73
C THR A 47 -9.06 -7.94 0.88
N TYR A 48 -9.61 -7.77 2.08
CA TYR A 48 -10.98 -8.18 2.35
C TYR A 48 -11.96 -7.49 1.40
N ASN A 49 -11.66 -6.24 1.06
CA ASN A 49 -12.51 -5.47 0.16
C ASN A 49 -11.69 -4.89 -1.00
N ASN A 50 -10.48 -5.41 -1.18
CA ASN A 50 -9.61 -4.96 -2.25
C ASN A 50 -9.47 -3.44 -2.23
N ALA A 51 -9.16 -2.90 -1.05
CA ALA A 51 -8.99 -1.46 -0.89
C ALA A 51 -7.56 -1.12 -0.47
N VAL A 52 -6.81 -0.51 -1.38
CA VAL A 52 -5.44 -0.13 -1.09
C VAL A 52 -5.36 1.28 -0.50
N ASP A 53 -4.70 1.39 0.64
CA ASP A 53 -4.56 2.67 1.32
C ASP A 53 -3.09 3.01 1.54
N CYS A 54 -2.63 4.08 0.89
CA CYS A 54 -1.24 4.51 1.01
C CYS A 54 -1.09 5.59 2.08
N ASP A 55 -0.18 5.36 3.02
CA ASP A 55 0.05 6.30 4.11
C ASP A 55 -1.26 6.70 4.79
N ALA A 1 -8.51 -8.12 7.54
CA ALA A 1 -8.05 -6.78 7.86
C ALA A 1 -7.07 -6.27 6.80
N LYS A 2 -6.84 -4.97 6.79
CA LYS A 2 -5.93 -4.36 5.83
C LYS A 2 -4.48 -4.68 6.15
N TYR A 3 -3.76 -5.20 5.17
CA TYR A 3 -2.35 -5.56 5.37
C TYR A 3 -1.52 -4.33 5.72
N THR A 4 -0.23 -4.53 5.92
CA THR A 4 0.68 -3.45 6.26
C THR A 4 2.04 -3.62 5.58
N GLY A 5 2.64 -2.51 5.18
CA GLY A 5 3.93 -2.56 4.52
C GLY A 5 4.59 -1.20 4.44
N LYS A 6 5.07 -0.86 3.24
CA LYS A 6 5.73 0.42 3.03
C LYS A 6 5.39 0.99 1.65
N CYS A 7 5.00 2.26 1.62
CA CYS A 7 4.65 2.92 0.37
C CYS A 7 5.85 3.65 -0.21
N THR A 8 5.96 3.66 -1.53
CA THR A 8 7.06 4.33 -2.22
C THR A 8 6.56 5.51 -3.04
N LYS A 9 7.40 6.53 -3.16
CA LYS A 9 7.04 7.73 -3.92
C LYS A 9 7.49 7.59 -5.37
N SER A 10 8.09 6.45 -5.70
CA SER A 10 8.56 6.20 -7.06
C SER A 10 7.40 5.99 -8.02
N LYS A 11 6.65 4.92 -7.80
CA LYS A 11 5.51 4.60 -8.64
C LYS A 11 4.25 4.41 -7.81
N ASN A 12 4.26 4.96 -6.60
CA ASN A 12 3.12 4.85 -5.70
C ASN A 12 2.70 3.40 -5.52
N GLU A 13 3.58 2.60 -4.92
CA GLU A 13 3.30 1.18 -4.69
C GLU A 13 3.46 0.83 -3.22
N CYS A 14 2.73 -0.19 -2.77
CA CYS A 14 2.80 -0.63 -1.38
C CYS A 14 3.31 -2.06 -1.30
N LYS A 15 4.42 -2.25 -0.60
CA LYS A 15 5.01 -3.57 -0.42
C LYS A 15 4.66 -4.16 0.93
N TYR A 16 3.48 -4.77 1.01
CA TYR A 16 3.02 -5.38 2.24
C TYR A 16 3.39 -6.85 2.30
N LYS A 17 3.16 -7.47 3.46
CA LYS A 17 3.48 -8.89 3.65
C LYS A 17 2.22 -9.75 3.54
N ASN A 18 2.25 -10.68 2.60
CA ASN A 18 1.11 -11.58 2.38
C ASN A 18 0.93 -12.52 3.57
N ASP A 19 -0.01 -13.46 3.44
CA ASP A 19 -0.27 -14.42 4.49
C ASP A 19 0.88 -15.41 4.64
N ALA A 20 1.75 -15.44 3.63
CA ALA A 20 2.91 -16.34 3.64
C ALA A 20 4.15 -15.62 4.13
N GLY A 21 3.95 -14.48 4.80
CA GLY A 21 5.08 -13.71 5.31
C GLY A 21 6.11 -13.42 4.24
N LYS A 22 5.64 -12.99 3.08
CA LYS A 22 6.53 -12.66 1.96
C LYS A 22 6.17 -11.31 1.36
N ASP A 23 7.15 -10.68 0.71
CA ASP A 23 6.94 -9.38 0.09
C ASP A 23 5.73 -9.40 -0.82
N THR A 24 5.12 -8.24 -1.02
CA THR A 24 3.95 -8.12 -1.88
C THR A 24 3.72 -6.68 -2.31
N PHE A 25 4.20 -6.34 -3.50
CA PHE A 25 4.05 -4.99 -4.03
C PHE A 25 2.70 -4.83 -4.72
N ILE A 26 1.98 -3.76 -4.37
CA ILE A 26 0.68 -3.49 -4.95
C ILE A 26 0.51 -1.99 -5.23
N LYS A 27 0.14 -1.68 -6.47
CA LYS A 27 -0.06 -0.29 -6.87
C LYS A 27 -1.06 0.41 -5.95
N CYS A 28 -0.67 1.56 -5.43
CA CYS A 28 -1.52 2.33 -4.52
C CYS A 28 -2.48 3.22 -5.32
N PRO A 29 -3.51 3.74 -4.64
CA PRO A 29 -4.51 4.60 -5.25
C PRO A 29 -3.95 5.98 -5.61
N LYS A 30 -4.59 6.65 -6.55
CA LYS A 30 -4.16 7.98 -6.98
C LYS A 30 -5.05 9.07 -6.39
N PHE A 31 -5.99 8.67 -5.55
CA PHE A 31 -6.90 9.60 -4.91
C PHE A 31 -6.15 10.78 -4.30
N ASP A 32 -6.87 11.83 -3.95
CA ASP A 32 -6.27 13.01 -3.35
C ASP A 32 -6.16 12.86 -1.84
N ASN A 33 -6.53 11.69 -1.34
CA ASN A 33 -6.47 11.42 0.09
C ASN A 33 -5.89 10.04 0.36
N LYS A 34 -5.40 9.39 -0.69
CA LYS A 34 -4.80 8.06 -0.56
C LYS A 34 -3.52 7.96 -1.39
N LYS A 35 -3.08 9.09 -1.92
CA LYS A 35 -1.86 9.13 -2.72
C LYS A 35 -0.62 9.21 -1.84
N CYS A 36 0.42 8.48 -2.22
CA CYS A 36 1.67 8.48 -1.47
C CYS A 36 2.24 9.88 -1.34
N THR A 37 2.52 10.30 -0.11
CA THR A 37 3.07 11.62 0.14
C THR A 37 4.59 11.58 0.25
N LYS A 38 5.12 10.40 0.53
CA LYS A 38 6.57 10.22 0.65
C LYS A 38 6.93 8.73 0.62
N ASP A 39 8.23 8.46 0.58
CA ASP A 39 8.72 7.08 0.54
C ASP A 39 8.81 6.50 1.94
N ASN A 40 8.73 5.18 2.04
CA ASN A 40 8.80 4.50 3.32
C ASN A 40 7.69 4.97 4.26
N ASN A 41 6.48 5.07 3.72
CA ASN A 41 5.34 5.51 4.52
C ASN A 41 4.52 4.32 5.01
N LYS A 42 3.38 4.61 5.62
CA LYS A 42 2.50 3.57 6.14
C LYS A 42 1.29 3.37 5.23
N CYS A 43 1.25 2.24 4.54
CA CYS A 43 0.15 1.93 3.64
C CYS A 43 -0.59 0.68 4.11
N THR A 44 -1.93 0.72 4.00
CA THR A 44 -2.75 -0.42 4.40
C THR A 44 -3.68 -0.84 3.28
N VAL A 45 -3.29 -1.88 2.55
CA VAL A 45 -4.09 -2.40 1.45
C VAL A 45 -5.37 -3.07 1.96
N ASP A 46 -6.49 -2.78 1.30
CA ASP A 46 -7.76 -3.37 1.70
C ASP A 46 -8.11 -4.55 0.80
N THR A 47 -7.57 -5.71 1.12
CA THR A 47 -7.81 -6.93 0.35
C THR A 47 -9.30 -7.25 0.31
N TYR A 48 -10.06 -6.69 1.25
CA TYR A 48 -11.50 -6.92 1.32
C TYR A 48 -12.18 -6.50 0.03
N ASN A 49 -12.02 -5.24 -0.34
CA ASN A 49 -12.61 -4.71 -1.56
C ASN A 49 -11.54 -4.25 -2.54
N ASN A 50 -10.34 -4.82 -2.42
CA ASN A 50 -9.23 -4.46 -3.30
C ASN A 50 -9.05 -2.95 -3.35
N ALA A 51 -9.27 -2.29 -2.22
CA ALA A 51 -9.13 -0.84 -2.14
C ALA A 51 -7.85 -0.46 -1.40
N VAL A 52 -6.72 -0.61 -2.07
CA VAL A 52 -5.42 -0.28 -1.47
C VAL A 52 -5.44 1.13 -0.88
N ASP A 53 -4.76 1.29 0.24
CA ASP A 53 -4.68 2.59 0.91
C ASP A 53 -3.23 2.96 1.23
N CYS A 54 -2.86 4.18 0.89
CA CYS A 54 -1.50 4.66 1.14
C CYS A 54 -1.51 5.84 2.11
N ASP A 55 -0.63 5.78 3.10
CA ASP A 55 -0.52 6.85 4.10
C ASP A 55 -1.90 7.22 4.63
N ALA A 1 -9.53 -7.37 7.86
CA ALA A 1 -8.11 -7.41 8.18
C ALA A 1 -7.27 -6.93 7.00
N LYS A 2 -6.77 -5.70 7.10
CA LYS A 2 -5.96 -5.12 6.05
C LYS A 2 -4.48 -5.48 6.24
N TYR A 3 -3.66 -5.13 5.26
CA TYR A 3 -2.23 -5.43 5.31
C TYR A 3 -1.41 -4.14 5.25
N THR A 4 -0.40 -4.04 6.12
CA THR A 4 0.45 -2.87 6.16
C THR A 4 1.85 -3.19 5.62
N GLY A 5 2.55 -2.16 5.16
CA GLY A 5 3.89 -2.35 4.63
C GLY A 5 4.65 -1.05 4.52
N LYS A 6 4.78 -0.54 3.31
CA LYS A 6 5.51 0.71 3.07
C LYS A 6 5.17 1.29 1.70
N CYS A 7 4.85 2.57 1.67
CA CYS A 7 4.51 3.25 0.42
C CYS A 7 5.71 4.00 -0.14
N THR A 8 5.99 3.78 -1.43
CA THR A 8 7.12 4.43 -2.08
C THR A 8 6.65 5.65 -2.88
N LYS A 9 7.52 6.65 -2.98
CA LYS A 9 7.22 7.87 -3.71
C LYS A 9 7.76 7.80 -5.13
N SER A 10 8.40 6.69 -5.47
CA SER A 10 8.98 6.50 -6.79
C SER A 10 7.88 6.26 -7.82
N LYS A 11 7.17 5.14 -7.67
CA LYS A 11 6.09 4.79 -8.59
C LYS A 11 4.75 4.73 -7.85
N ASN A 12 4.73 5.28 -6.64
CA ASN A 12 3.51 5.29 -5.85
C ASN A 12 2.90 3.88 -5.75
N GLU A 13 3.44 3.08 -4.84
CA GLU A 13 2.95 1.72 -4.64
C GLU A 13 2.96 1.34 -3.16
N CYS A 14 2.62 0.09 -2.88
CA CYS A 14 2.58 -0.40 -1.50
C CYS A 14 3.17 -1.80 -1.41
N LYS A 15 4.22 -1.93 -0.60
CA LYS A 15 4.88 -3.22 -0.41
C LYS A 15 4.52 -3.83 0.94
N TYR A 16 3.38 -4.51 0.98
CA TYR A 16 2.91 -5.14 2.21
C TYR A 16 3.37 -6.60 2.29
N LYS A 17 3.09 -7.25 3.41
CA LYS A 17 3.47 -8.64 3.60
C LYS A 17 2.24 -9.53 3.69
N ASN A 18 2.02 -10.33 2.65
CA ASN A 18 0.87 -11.23 2.61
C ASN A 18 0.92 -12.21 3.78
N ASP A 19 0.00 -13.18 3.77
CA ASP A 19 -0.07 -14.17 4.82
C ASP A 19 1.23 -14.97 4.91
N ALA A 20 1.95 -15.03 3.80
CA ALA A 20 3.21 -15.77 3.74
C ALA A 20 4.38 -14.87 4.13
N GLY A 21 4.06 -13.69 4.65
CA GLY A 21 5.10 -12.75 5.05
C GLY A 21 6.12 -12.52 3.96
N LYS A 22 5.65 -12.38 2.72
CA LYS A 22 6.54 -12.15 1.58
C LYS A 22 6.25 -10.80 0.93
N ASP A 23 7.27 -10.24 0.27
CA ASP A 23 7.12 -8.96 -0.40
C ASP A 23 5.93 -8.96 -1.35
N THR A 24 5.18 -7.87 -1.35
CA THR A 24 4.01 -7.76 -2.22
C THR A 24 3.76 -6.31 -2.63
N PHE A 25 4.24 -5.94 -3.81
CA PHE A 25 4.08 -4.58 -4.32
C PHE A 25 2.72 -4.41 -5.00
N ILE A 26 1.99 -3.39 -4.58
CA ILE A 26 0.67 -3.12 -5.15
C ILE A 26 0.46 -1.62 -5.36
N LYS A 27 0.55 -1.18 -6.61
CA LYS A 27 0.36 0.23 -6.93
C LYS A 27 -0.82 0.81 -6.17
N CYS A 28 -0.66 2.06 -5.71
CA CYS A 28 -1.71 2.73 -4.96
C CYS A 28 -2.53 3.64 -5.87
N PRO A 29 -3.75 3.99 -5.42
CA PRO A 29 -4.64 4.87 -6.19
C PRO A 29 -4.13 6.31 -6.26
N LYS A 30 -4.59 7.04 -7.26
CA LYS A 30 -4.19 8.43 -7.45
C LYS A 30 -5.19 9.38 -6.80
N PHE A 31 -5.92 8.87 -5.81
CA PHE A 31 -6.92 9.67 -5.11
C PHE A 31 -6.25 10.80 -4.32
N ASP A 32 -7.07 11.72 -3.82
CA ASP A 32 -6.56 12.85 -3.05
C ASP A 32 -6.54 12.53 -1.56
N ASN A 33 -6.79 11.26 -1.24
CA ASN A 33 -6.81 10.83 0.15
C ASN A 33 -6.22 9.41 0.28
N LYS A 34 -5.55 8.96 -0.77
CA LYS A 34 -4.94 7.64 -0.76
C LYS A 34 -3.69 7.62 -1.64
N LYS A 35 -3.15 8.80 -1.92
CA LYS A 35 -1.95 8.92 -2.74
C LYS A 35 -0.70 8.95 -1.86
N CYS A 36 0.42 8.54 -2.44
CA CYS A 36 1.69 8.53 -1.71
C CYS A 36 2.34 9.92 -1.74
N THR A 37 2.78 10.37 -0.56
CA THR A 37 3.42 11.68 -0.45
C THR A 37 4.93 11.54 -0.33
N LYS A 38 5.37 10.56 0.46
CA LYS A 38 6.79 10.32 0.65
C LYS A 38 7.09 8.83 0.72
N ASP A 39 8.38 8.48 0.75
CA ASP A 39 8.79 7.09 0.81
C ASP A 39 8.76 6.58 2.26
N ASN A 40 8.78 5.26 2.42
CA ASN A 40 8.76 4.65 3.74
C ASN A 40 7.49 5.04 4.49
N ASN A 41 6.42 5.34 3.75
CA ASN A 41 5.16 5.72 4.35
C ASN A 41 4.41 4.51 4.89
N LYS A 42 3.17 4.72 5.33
CA LYS A 42 2.36 3.65 5.86
C LYS A 42 1.22 3.30 4.92
N CYS A 43 1.43 2.27 4.10
CA CYS A 43 0.41 1.84 3.14
C CYS A 43 -0.49 0.78 3.75
N THR A 44 -1.73 0.70 3.24
CA THR A 44 -2.69 -0.27 3.74
C THR A 44 -3.51 -0.87 2.60
N VAL A 45 -3.73 -2.18 2.66
CA VAL A 45 -4.48 -2.87 1.63
C VAL A 45 -5.73 -3.53 2.21
N ASP A 46 -6.90 -3.15 1.72
CA ASP A 46 -8.16 -3.70 2.20
C ASP A 46 -8.50 -4.99 1.45
N THR A 47 -7.96 -6.10 1.93
CA THR A 47 -8.20 -7.40 1.31
C THR A 47 -9.69 -7.72 1.28
N TYR A 48 -10.46 -7.05 2.14
CA TYR A 48 -11.90 -7.27 2.22
C TYR A 48 -12.55 -7.05 0.86
N ASN A 49 -12.27 -5.90 0.26
CA ASN A 49 -12.83 -5.56 -1.04
C ASN A 49 -11.73 -5.38 -2.08
N ASN A 50 -10.54 -5.87 -1.77
CA ASN A 50 -9.40 -5.77 -2.67
C ASN A 50 -9.07 -4.30 -2.97
N ALA A 51 -9.21 -3.46 -1.95
CA ALA A 51 -8.93 -2.04 -2.10
C ALA A 51 -7.50 -1.71 -1.69
N VAL A 52 -6.98 -0.60 -2.20
CA VAL A 52 -5.63 -0.18 -1.88
C VAL A 52 -5.61 1.20 -1.23
N ASP A 53 -4.63 1.41 -0.34
CA ASP A 53 -4.52 2.68 0.36
C ASP A 53 -3.05 3.02 0.62
N CYS A 54 -2.71 4.30 0.49
CA CYS A 54 -1.34 4.76 0.71
C CYS A 54 -1.32 5.99 1.59
N ASP A 55 -0.21 6.16 2.32
CA ASP A 55 -0.06 7.31 3.22
C ASP A 55 0.60 8.47 2.50
#